data_6O8D
#
_entry.id   6O8D
#
_cell.length_a   153.140
_cell.length_b   60.139
_cell.length_c   152.558
_cell.angle_alpha   90.000
_cell.angle_beta   104.040
_cell.angle_gamma   90.000
#
_symmetry.space_group_name_H-M   'C 1 2 1'
#
loop_
_entity.id
_entity.type
_entity.pdbx_description
1 polymer 'T-cell-specific surface glycoprotein CD28'
2 polymer 'Anti-CD28xCD3 CODV Fab Light chain'
3 polymer 'Anti-CD28xCD3 CODV Fab Heavy chain'
4 branched 2-acetamido-2-deoxy-beta-D-glucopyranose-(1-4)-2-acetamido-2-deoxy-beta-D-glucopyranose
5 non-polymer 2-acetamido-2-deoxy-beta-D-glucopyranose
#
loop_
_entity_poly.entity_id
_entity_poly.type
_entity_poly.pdbx_seq_one_letter_code
_entity_poly.pdbx_strand_id
1 'polypeptide(L)'
;NKILVKQSPMLVAYDNAVNLSCKYSYNLFSREFRASLHKGLDSAVEVCVVYGNYSQQLQVYSKTGFNCDGKLGNESVTFY
LQNLYVNQTDIYFCKIEVMYPPPYLDNEKSNGTIIHVKHHHHHHHH
;
C
2 'polypeptide(L)'
;DIVMTQTPLSLSVTPGQPASISCKSSQSLVHNNANTYLSWYLQKPGQSPQSLIYKVSNRFSGVPDRFSGSGSGTDFTLKI
SRVEAEDVGVYYCGQGTQYPFTFGSGTKVEIKGQPKAAPDIQMTQSPSSLSASVGDRVTITCQASQNIYVWLNWYQQKPG
KAPKLLIYKASNLHTGVPSRFSGSGSGTDFTLTISSLQPEDIATYYCQQGQTYPYTFGQGTKLEIKTKGPSRTVAAPSVF
IFPPSDEQLKSGTASVVCLLNNFYPREAKVQWKVDNALQSGNSQESVTEQDSKDSTYSLSSTLTLSKADYEKHKVYACEV
THQGLSSPVTKSFNRGEC
;
L
3 'polypeptide(L)'
;QVQLVQSGAEVVKPGASVKVSCKASGYTFTSYYIHWVRQAPGQGLEWIGSIYPGNVNTNYAQKFQGRATLTVDTSISTAY
MELSRLRSDDTAVYYCTRSHYGLDWNFDVWGKGTTVTVSSSQVQLVESGGGVVQPGRSLRLSCAASGFTFTKAWMHWVRQ
APGKQLEWVAQIKDKSNSYATYYADSVKGRFTISRDDSKNTLYLQMNSLRAEDTAVYYCRGVYYALSPFDYWGQGTLVTV
SSRTASTKGPSVFPLAPSSKSTSGGTAALGCLVKDYFPEPVTVSWNSGALTSGVHTFPAVLQSSGLYSLSSVVTVPSSSL
GTQTYICNVNHKPSNTKVDKKVEPKSCDKTHTHHHHHH
;
H
#
loop_
_chem_comp.id
_chem_comp.type
_chem_comp.name
_chem_comp.formula
NAG D-saccharide, beta linking 2-acetamido-2-deoxy-beta-D-glucopyranose 'C8 H15 N O6'
#
# COMPACT_ATOMS: atom_id res chain seq x y z
N LYS A 2 14.26 34.02 34.87
CA LYS A 2 14.43 34.12 33.43
C LYS A 2 15.87 33.79 33.03
N ILE A 3 16.17 33.99 31.76
CA ILE A 3 17.54 33.94 31.24
C ILE A 3 17.70 35.13 30.30
N LEU A 4 18.88 35.74 30.33
CA LEU A 4 19.21 36.83 29.42
C LEU A 4 20.50 36.51 28.68
N VAL A 5 20.65 37.07 27.49
CA VAL A 5 21.77 36.75 26.60
C VAL A 5 22.34 38.05 26.05
N LYS A 6 23.67 38.12 25.99
CA LYS A 6 24.39 39.27 25.45
C LYS A 6 25.53 38.76 24.59
N GLN A 7 25.68 39.33 23.40
CA GLN A 7 26.77 38.94 22.50
C GLN A 7 27.14 40.13 21.62
N SER A 8 28.18 39.94 20.82
CA SER A 8 28.78 41.03 20.06
C SER A 8 27.79 41.62 19.07
N PRO A 9 27.90 42.92 18.76
CA PRO A 9 27.07 43.52 17.71
C PRO A 9 27.70 43.45 16.33
N MET A 10 28.96 43.03 16.22
CA MET A 10 29.66 42.91 14.95
C MET A 10 30.99 42.20 15.20
N LEU A 11 31.33 41.26 14.33
CA LEU A 11 32.59 40.53 14.45
C LEU A 11 33.03 40.10 13.05
N VAL A 12 33.93 40.88 12.45
CA VAL A 12 34.43 40.59 11.11
C VAL A 12 35.38 39.41 11.20
N ALA A 13 34.97 38.27 10.64
CA ALA A 13 35.77 37.05 10.68
C ALA A 13 36.93 37.12 9.70
N TYR A 14 38.06 37.67 10.14
CA TYR A 14 39.22 37.82 9.29
C TYR A 14 39.85 36.45 9.03
N ASP A 15 40.04 36.12 7.74
CA ASP A 15 40.63 34.87 7.30
C ASP A 15 39.89 33.66 7.88
N ASN A 16 38.55 33.72 7.80
CA ASN A 16 37.69 32.60 8.19
C ASN A 16 37.94 32.16 9.63
N ALA A 17 38.25 33.12 10.50
CA ALA A 17 38.60 32.83 11.88
C ALA A 17 38.00 33.92 12.78
N VAL A 18 37.12 33.51 13.69
CA VAL A 18 36.49 34.42 14.63
C VAL A 18 35.93 33.61 15.79
N ASN A 19 35.71 34.26 16.93
CA ASN A 19 35.20 33.64 18.13
C ASN A 19 33.86 34.28 18.50
N LEU A 20 32.84 33.47 18.76
CA LEU A 20 31.52 33.96 19.12
C LEU A 20 31.17 33.46 20.51
N SER A 21 30.69 34.36 21.36
CA SER A 21 30.41 34.02 22.76
C SER A 21 29.08 34.63 23.17
N CYS A 22 28.34 33.89 24.00
CA CYS A 22 27.07 34.37 24.56
C CYS A 22 27.21 34.48 26.07
N LYS A 23 26.99 35.68 26.60
CA LYS A 23 27.08 35.96 28.03
C LYS A 23 25.79 35.51 28.70
N TYR A 24 25.84 34.38 29.39
CA TYR A 24 24.65 33.78 29.98
C TYR A 24 24.50 34.20 31.44
N SER A 25 23.26 34.10 31.94
CA SER A 25 22.89 34.61 33.25
C SER A 25 22.18 33.51 34.04
N TYR A 26 22.95 32.77 34.85
CA TYR A 26 22.39 31.85 35.85
C TYR A 26 23.53 31.45 36.78
N ASN A 27 23.26 30.47 37.64
CA ASN A 27 24.22 30.05 38.66
C ASN A 27 25.47 29.46 38.03
N LEU A 28 26.46 29.13 38.86
CA LEU A 28 27.80 28.82 38.37
C LEU A 28 27.78 27.62 37.43
N PHE A 29 27.45 26.44 37.94
CA PHE A 29 27.46 25.23 37.13
C PHE A 29 26.57 24.20 37.83
N SER A 30 26.75 22.93 37.48
CA SER A 30 26.11 21.80 38.17
C SER A 30 24.61 21.74 37.90
N ARG A 31 24.22 21.95 36.65
CA ARG A 31 22.83 21.78 36.21
C ARG A 31 22.86 21.10 34.83
N GLU A 32 21.70 21.08 34.16
CA GLU A 32 21.58 20.59 32.80
C GLU A 32 20.92 21.66 31.95
N PHE A 33 21.28 21.70 30.66
CA PHE A 33 20.99 22.86 29.84
C PHE A 33 21.05 22.50 28.36
N ARG A 34 20.78 23.51 27.52
CA ARG A 34 21.04 23.46 26.08
C ARG A 34 21.25 24.89 25.61
N ALA A 35 22.41 25.17 25.02
CA ALA A 35 22.75 26.49 24.53
C ALA A 35 22.97 26.40 23.02
N SER A 36 21.95 26.75 22.25
CA SER A 36 21.94 26.54 20.82
C SER A 36 22.36 27.80 20.06
N LEU A 37 22.78 27.59 18.82
CA LEU A 37 23.16 28.65 17.88
C LEU A 37 22.54 28.34 16.53
N HIS A 38 22.05 29.37 15.85
CA HIS A 38 21.32 29.18 14.60
C HIS A 38 21.76 30.25 13.60
N LYS A 39 21.07 30.30 12.47
CA LYS A 39 21.34 31.28 11.42
C LYS A 39 20.03 31.58 10.71
N GLY A 40 19.51 32.77 10.93
CA GLY A 40 18.21 33.15 10.43
C GLY A 40 17.22 33.31 11.58
N LEU A 41 16.23 34.18 11.38
CA LEU A 41 15.14 34.29 12.34
C LEU A 41 14.01 33.33 12.03
N ASP A 42 13.93 32.87 10.78
CA ASP A 42 13.04 31.78 10.40
C ASP A 42 13.62 30.41 10.74
N SER A 43 14.67 30.39 11.58
CA SER A 43 15.39 29.16 11.91
C SER A 43 15.83 28.41 10.66
N ALA A 44 16.39 29.17 9.71
CA ALA A 44 16.86 28.58 8.46
C ALA A 44 17.89 27.49 8.72
N VAL A 45 18.87 27.78 9.57
CA VAL A 45 19.97 26.86 9.86
C VAL A 45 20.14 26.75 11.37
N GLU A 46 20.56 25.56 11.83
CA GLU A 46 21.15 25.40 13.15
C GLU A 46 22.62 25.08 12.96
N VAL A 47 23.48 25.84 13.64
CA VAL A 47 24.91 25.81 13.37
C VAL A 47 25.66 25.00 14.41
N CYS A 48 25.23 25.08 15.67
CA CYS A 48 25.90 24.35 16.75
C CYS A 48 25.03 24.40 17.99
N VAL A 49 25.30 23.49 18.92
CA VAL A 49 24.57 23.40 20.18
C VAL A 49 25.43 22.60 21.15
N VAL A 50 25.39 22.98 22.43
CA VAL A 50 26.38 22.53 23.40
C VAL A 50 25.72 22.20 24.73
N TYR A 51 26.12 21.07 25.33
CA TYR A 51 25.71 20.67 26.66
C TYR A 51 26.85 19.89 27.33
N GLY A 52 26.89 19.94 28.66
CA GLY A 52 27.82 19.15 29.43
C GLY A 52 27.23 18.65 30.72
N ASN A 53 27.45 17.36 31.03
CA ASN A 53 26.95 16.77 32.26
C ASN A 53 27.82 17.24 33.43
N TYR A 54 27.59 16.67 34.62
CA TYR A 54 28.39 17.03 35.78
C TYR A 54 29.85 16.69 35.55
N SER A 55 30.15 15.42 35.31
CA SER A 55 31.52 15.00 35.03
C SER A 55 31.84 15.11 33.55
N GLN A 56 30.94 14.63 32.69
CA GLN A 56 31.18 14.62 31.26
C GLN A 56 31.45 16.03 30.75
N GLN A 57 32.48 16.16 29.92
CA GLN A 57 32.98 17.46 29.49
C GLN A 57 32.03 18.08 28.48
N LEU A 58 32.47 19.16 27.85
CA LEU A 58 31.59 19.89 26.95
C LEU A 58 31.33 19.12 25.67
N GLN A 59 30.24 18.38 25.64
CA GLN A 59 29.84 17.65 24.43
C GLN A 59 29.45 18.64 23.35
N VAL A 60 29.92 18.40 22.12
CA VAL A 60 29.79 19.39 21.05
C VAL A 60 29.70 18.66 19.72
N TYR A 61 28.74 19.09 18.89
CA TYR A 61 28.54 18.49 17.58
C TYR A 61 27.84 19.51 16.67
N SER A 62 27.53 19.09 15.45
CA SER A 62 26.92 19.94 14.44
C SER A 62 25.86 19.17 13.68
N LYS A 63 24.88 19.90 13.14
CA LYS A 63 23.77 19.31 12.41
C LYS A 63 23.70 19.74 10.94
N THR A 64 24.38 20.82 10.55
CA THR A 64 24.54 21.16 9.14
C THR A 64 26.01 21.11 8.74
N GLY A 65 26.80 20.31 9.45
CA GLY A 65 28.18 20.08 9.10
C GLY A 65 29.14 21.21 9.39
N PHE A 66 28.72 22.21 10.15
CA PHE A 66 29.62 23.30 10.48
C PHE A 66 30.72 22.83 11.43
N ASN A 67 31.75 23.65 11.59
CA ASN A 67 32.89 23.34 12.43
C ASN A 67 32.71 24.02 13.78
N CYS A 68 32.69 23.24 14.86
CA CYS A 68 32.38 23.75 16.19
C CYS A 68 33.26 23.05 17.22
N ASP A 69 33.87 23.85 18.10
CA ASP A 69 34.63 23.35 19.24
C ASP A 69 33.89 23.67 20.52
N GLY A 70 34.24 22.95 21.59
CA GLY A 70 33.57 23.05 22.86
C GLY A 70 34.40 23.80 23.87
N LYS A 71 33.89 24.97 24.29
CA LYS A 71 34.57 25.83 25.25
C LYS A 71 33.56 26.37 26.25
N LEU A 72 33.85 26.22 27.54
CA LEU A 72 32.96 26.67 28.60
C LEU A 72 33.79 27.29 29.72
N GLY A 73 33.21 28.29 30.38
CA GLY A 73 33.89 29.00 31.45
C GLY A 73 33.20 28.91 32.79
N ASN A 74 32.78 30.06 33.32
CA ASN A 74 32.06 30.10 34.59
C ASN A 74 30.55 30.06 34.36
N GLU A 75 30.00 31.09 33.69
CA GLU A 75 28.61 31.12 33.28
C GLU A 75 28.50 31.72 31.88
N SER A 76 29.43 31.36 31.01
CA SER A 76 29.50 31.92 29.66
C SER A 76 29.94 30.85 28.68
N VAL A 77 29.48 30.97 27.44
CA VAL A 77 29.78 30.01 26.39
C VAL A 77 30.66 30.68 25.35
N THR A 78 31.37 29.85 24.57
CA THR A 78 32.27 30.33 23.53
C THR A 78 32.22 29.35 22.37
N PHE A 79 32.07 29.86 21.16
CA PHE A 79 31.95 29.04 19.95
C PHE A 79 33.18 29.25 19.09
N TYR A 80 33.92 28.17 18.84
CA TYR A 80 35.10 28.19 17.97
C TYR A 80 34.64 27.75 16.58
N LEU A 81 34.04 28.70 15.85
CA LEU A 81 33.52 28.44 14.52
C LEU A 81 34.60 28.73 13.48
N GLN A 82 34.66 27.90 12.45
CA GLN A 82 35.68 28.03 11.41
C GLN A 82 35.07 27.60 10.07
N ASN A 83 35.87 27.71 9.01
CA ASN A 83 35.50 27.27 7.66
C ASN A 83 34.28 28.05 7.16
N LEU A 84 34.48 29.35 7.00
CA LEU A 84 33.42 30.24 6.57
C LEU A 84 33.41 30.40 5.06
N TYR A 85 32.39 31.12 4.57
CA TYR A 85 32.19 31.36 3.15
C TYR A 85 31.74 32.81 2.98
N VAL A 86 31.25 33.13 1.80
CA VAL A 86 30.80 34.49 1.48
C VAL A 86 29.29 34.60 1.50
N ASN A 87 28.58 33.58 1.01
CA ASN A 87 27.12 33.67 0.87
C ASN A 87 26.41 33.46 2.19
N GLN A 88 26.81 32.45 2.97
CA GLN A 88 26.15 32.18 4.23
C GLN A 88 26.34 33.30 5.26
N THR A 89 27.01 34.39 4.89
CA THR A 89 27.04 35.59 5.71
C THR A 89 25.61 36.02 6.01
N ASP A 90 25.22 35.94 7.27
CA ASP A 90 23.85 36.19 7.69
C ASP A 90 23.88 36.52 9.17
N ILE A 91 22.73 36.87 9.73
CA ILE A 91 22.69 37.16 11.16
C ILE A 91 22.80 35.85 11.94
N TYR A 92 23.31 35.96 13.17
CA TYR A 92 23.52 34.82 14.04
C TYR A 92 22.95 35.14 15.42
N PHE A 93 22.11 34.24 15.93
CA PHE A 93 21.39 34.45 17.17
C PHE A 93 21.75 33.37 18.18
N CYS A 94 21.49 33.64 19.45
CA CYS A 94 21.77 32.71 20.53
C CYS A 94 20.46 32.28 21.19
N LYS A 95 20.45 31.03 21.66
CA LYS A 95 19.27 30.45 22.28
C LYS A 95 19.66 29.79 23.60
N ILE A 96 18.68 29.67 24.49
CA ILE A 96 18.89 29.06 25.80
C ILE A 96 17.59 28.40 26.23
N GLU A 97 17.71 27.33 27.01
CA GLU A 97 16.55 26.62 27.52
C GLU A 97 16.93 25.93 28.83
N VAL A 98 16.43 26.44 29.94
CA VAL A 98 16.61 25.75 31.20
C VAL A 98 15.52 24.69 31.33
N MET A 99 15.86 23.60 32.02
CA MET A 99 14.93 22.48 32.21
C MET A 99 14.42 22.38 33.63
N TYR A 100 15.32 22.36 34.60
CA TYR A 100 14.80 22.30 35.96
C TYR A 100 14.84 23.67 36.60
N PRO A 101 13.72 24.16 37.15
CA PRO A 101 12.45 23.43 37.20
C PRO A 101 11.49 23.81 36.07
N PRO A 102 10.42 23.05 35.88
CA PRO A 102 9.35 23.48 34.98
C PRO A 102 8.49 24.53 35.64
N PRO A 103 7.89 25.45 34.86
CA PRO A 103 8.01 25.53 33.41
C PRO A 103 9.25 26.29 32.98
N TYR A 104 9.26 26.77 31.74
CA TYR A 104 10.38 27.52 31.20
C TYR A 104 9.92 28.93 30.82
N LEU A 105 10.55 29.93 31.43
CA LEU A 105 10.28 31.33 31.12
C LEU A 105 11.49 31.84 30.32
N ASP A 106 11.36 31.81 29.00
CA ASP A 106 12.48 32.04 28.10
C ASP A 106 12.92 33.50 28.11
N ASN A 107 13.91 33.80 27.30
CA ASN A 107 14.34 35.16 27.04
C ASN A 107 13.62 35.71 25.81
N GLU A 108 13.56 37.03 25.73
CA GLU A 108 13.22 37.67 24.47
C GLU A 108 14.30 37.32 23.45
N LYS A 109 14.03 37.65 22.18
CA LYS A 109 14.97 37.26 21.14
C LYS A 109 16.33 37.91 21.41
N SER A 110 17.29 37.10 21.87
CA SER A 110 18.63 37.58 22.12
C SER A 110 19.17 38.28 20.87
N ASN A 111 19.54 39.55 21.02
CA ASN A 111 19.82 40.42 19.89
C ASN A 111 20.71 39.77 18.83
N GLY A 112 21.76 39.09 19.25
CA GLY A 112 22.55 38.30 18.33
C GLY A 112 23.85 38.96 17.90
N THR A 113 24.28 38.67 16.68
CA THR A 113 25.54 39.20 16.16
C THR A 113 25.49 39.15 14.64
N ILE A 114 26.52 39.75 14.03
CA ILE A 114 26.68 39.75 12.59
C ILE A 114 28.14 39.45 12.27
N ILE A 115 28.36 38.75 11.15
CA ILE A 115 29.69 38.29 10.76
C ILE A 115 29.94 38.69 9.31
N HIS A 116 31.20 38.53 8.90
CA HIS A 116 31.61 38.86 7.54
C HIS A 116 32.41 37.72 6.91
N ASP B 1 -27.32 18.04 -24.26
CA ASP B 1 -28.12 19.07 -24.91
C ASP B 1 -28.27 20.30 -24.01
N ILE B 2 -27.73 20.20 -22.80
CA ILE B 2 -27.58 21.36 -21.90
C ILE B 2 -26.15 21.27 -21.38
N VAL B 3 -25.24 21.95 -22.04
CA VAL B 3 -23.81 21.82 -21.76
C VAL B 3 -23.42 22.79 -20.65
N MET B 4 -22.44 22.39 -19.85
CA MET B 4 -22.03 23.14 -18.67
C MET B 4 -20.71 23.86 -18.97
N THR B 5 -20.70 25.18 -18.79
CA THR B 5 -19.50 25.99 -18.97
C THR B 5 -18.94 26.31 -17.58
N GLN B 6 -17.99 25.51 -17.13
CA GLN B 6 -17.26 25.82 -15.92
C GLN B 6 -16.47 27.11 -16.13
N THR B 7 -16.52 28.01 -15.16
CA THR B 7 -15.86 29.30 -15.26
C THR B 7 -15.11 29.59 -13.96
N PRO B 8 -13.78 29.60 -13.98
CA PRO B 8 -12.89 29.39 -15.13
C PRO B 8 -12.61 27.92 -15.41
N LEU B 9 -11.52 27.63 -16.12
CA LEU B 9 -11.12 26.27 -16.44
C LEU B 9 -9.93 25.77 -15.63
N SER B 10 -9.38 26.59 -14.74
CA SER B 10 -8.25 26.20 -13.89
C SER B 10 -8.00 27.32 -12.87
N LEU B 11 -7.25 26.98 -11.82
CA LEU B 11 -6.80 27.95 -10.81
C LEU B 11 -5.91 27.23 -9.80
N SER B 12 -5.25 28.02 -8.97
CA SER B 12 -4.41 27.57 -7.87
C SER B 12 -4.03 28.76 -7.00
N VAL B 13 -4.02 28.57 -5.69
CA VAL B 13 -3.71 29.63 -4.73
C VAL B 13 -3.13 28.99 -3.48
N THR B 14 -2.06 29.61 -2.93
CA THR B 14 -1.37 29.14 -1.71
C THR B 14 -2.30 28.68 -0.61
N PRO B 15 -1.87 27.73 0.23
CA PRO B 15 -2.73 27.23 1.30
C PRO B 15 -3.24 28.36 2.18
N GLY B 16 -4.54 28.34 2.44
CA GLY B 16 -5.23 29.42 3.12
C GLY B 16 -5.91 30.42 2.21
N GLN B 17 -5.51 30.47 0.92
CA GLN B 17 -6.09 31.40 -0.02
C GLN B 17 -7.40 30.85 -0.58
N PRO B 18 -8.36 31.73 -0.86
CA PRO B 18 -9.69 31.30 -1.30
C PRO B 18 -9.72 31.04 -2.81
N ALA B 19 -10.89 30.64 -3.28
CA ALA B 19 -11.07 30.28 -4.69
C ALA B 19 -12.56 30.36 -5.03
N SER B 20 -12.85 30.30 -6.32
CA SER B 20 -14.23 30.38 -6.80
C SER B 20 -14.33 29.80 -8.21
N ILE B 21 -15.24 28.85 -8.39
CA ILE B 21 -15.62 28.34 -9.70
C ILE B 21 -17.09 28.65 -9.92
N SER B 22 -17.45 28.91 -11.19
CA SER B 22 -18.82 29.22 -11.54
C SER B 22 -19.28 28.31 -12.67
N CYS B 23 -20.40 27.63 -12.45
CA CYS B 23 -21.02 26.75 -13.45
C CYS B 23 -22.17 27.52 -14.10
N LYS B 24 -21.94 27.98 -15.33
CA LYS B 24 -22.96 28.71 -16.08
C LYS B 24 -23.70 27.72 -16.98
N SER B 25 -25.02 27.88 -17.06
CA SER B 25 -25.88 26.88 -17.67
C SER B 25 -26.28 27.29 -19.08
N SER B 26 -26.69 26.28 -19.87
CA SER B 26 -27.28 26.53 -21.18
C SER B 26 -28.77 26.85 -21.04
N GLN B 27 -29.52 25.92 -20.49
CA GLN B 27 -30.94 26.09 -20.18
C GLN B 27 -31.11 26.17 -18.67
N SER B 28 -32.36 26.28 -18.23
CA SER B 28 -32.66 26.36 -16.82
C SER B 28 -32.63 24.97 -16.20
N LEU B 29 -31.77 24.77 -15.20
CA LEU B 29 -31.67 23.49 -14.50
C LEU B 29 -32.80 23.29 -13.50
N VAL B 30 -33.65 24.28 -13.28
CA VAL B 30 -34.83 24.09 -12.45
C VAL B 30 -35.78 23.13 -13.16
N HIS B 31 -36.21 22.10 -12.45
CA HIS B 31 -37.05 21.07 -13.03
C HIS B 31 -38.53 21.42 -12.87
N ASN B 32 -39.37 20.72 -13.64
CA ASN B 32 -40.82 20.86 -13.53
C ASN B 32 -41.32 20.32 -12.19
N ASN B 33 -40.40 19.87 -11.35
CA ASN B 33 -40.68 19.55 -9.94
C ASN B 33 -40.18 20.64 -8.99
N ALA B 34 -39.73 21.77 -9.52
CA ALA B 34 -39.25 22.90 -8.72
C ALA B 34 -38.04 22.51 -7.87
N ASN B 35 -37.09 21.83 -8.51
CA ASN B 35 -35.80 21.51 -7.89
C ASN B 35 -34.72 21.70 -8.94
N THR B 36 -33.49 21.93 -8.47
CA THR B 36 -32.34 22.09 -9.35
C THR B 36 -31.37 20.96 -9.10
N TYR B 37 -31.15 20.14 -10.12
CA TYR B 37 -30.31 18.95 -10.00
C TYR B 37 -28.89 19.25 -10.49
N LEU B 38 -28.26 20.22 -9.85
CA LEU B 38 -26.85 20.54 -10.07
C LEU B 38 -25.99 19.73 -9.10
N SER B 39 -24.70 19.66 -9.36
CA SER B 39 -23.79 18.97 -8.45
C SER B 39 -22.37 19.46 -8.67
N TRP B 40 -21.54 19.29 -7.65
CA TRP B 40 -20.13 19.65 -7.71
C TRP B 40 -19.31 18.44 -7.27
N TYR B 41 -18.30 18.10 -8.08
CA TYR B 41 -17.44 16.96 -7.81
C TYR B 41 -15.98 17.38 -7.85
N LEU B 42 -15.13 16.52 -7.28
CA LEU B 42 -13.68 16.67 -7.28
C LEU B 42 -13.06 15.36 -7.72
N GLN B 43 -12.24 15.41 -8.77
CA GLN B 43 -11.48 14.25 -9.21
C GLN B 43 -10.02 14.48 -8.84
N LYS B 44 -9.58 13.82 -7.77
CA LYS B 44 -8.19 13.89 -7.37
C LYS B 44 -7.31 13.25 -8.45
N PRO B 45 -6.16 13.83 -8.76
CA PRO B 45 -5.39 13.37 -9.92
C PRO B 45 -4.93 11.93 -9.77
N GLY B 46 -5.49 11.05 -10.60
CA GLY B 46 -5.20 9.63 -10.54
C GLY B 46 -6.21 8.79 -9.79
N GLN B 47 -7.40 9.31 -9.54
CA GLN B 47 -8.41 8.58 -8.77
C GLN B 47 -9.78 8.77 -9.39
N SER B 48 -10.75 8.02 -8.87
CA SER B 48 -12.12 8.12 -9.30
C SER B 48 -12.76 9.41 -8.79
N PRO B 49 -13.85 9.86 -9.41
CA PRO B 49 -14.61 10.98 -8.86
C PRO B 49 -15.20 10.66 -7.49
N GLN B 50 -15.38 11.72 -6.70
CA GLN B 50 -16.13 11.66 -5.46
C GLN B 50 -17.01 12.90 -5.37
N SER B 51 -18.25 12.71 -4.94
CA SER B 51 -19.23 13.79 -4.96
C SER B 51 -19.08 14.71 -3.76
N LEU B 52 -19.44 15.99 -3.97
CA LEU B 52 -19.33 17.01 -2.94
C LEU B 52 -20.65 17.66 -2.58
N ILE B 53 -21.44 18.08 -3.58
CA ILE B 53 -22.55 19.01 -3.39
C ILE B 53 -23.80 18.42 -4.06
N TYR B 54 -24.85 18.14 -3.28
CA TYR B 54 -25.93 17.34 -3.86
C TYR B 54 -26.89 18.18 -4.70
N LYS B 55 -27.56 19.17 -4.13
CA LYS B 55 -28.47 19.84 -5.06
C LYS B 55 -27.92 21.12 -5.67
N VAL B 56 -27.78 22.20 -4.90
CA VAL B 56 -26.97 23.35 -5.29
C VAL B 56 -26.15 23.81 -4.08
N SER B 57 -26.86 24.12 -3.00
CA SER B 57 -26.30 24.65 -1.77
C SER B 57 -26.22 23.58 -0.69
N ASN B 58 -25.84 22.37 -1.09
CA ASN B 58 -26.12 21.18 -0.29
C ASN B 58 -24.91 20.27 -0.31
N ARG B 59 -24.22 20.15 0.84
CA ARG B 59 -22.95 19.46 0.93
C ARG B 59 -23.14 18.02 1.42
N PHE B 60 -22.51 17.07 0.76
CA PHE B 60 -22.62 15.67 1.16
C PHE B 60 -21.96 15.45 2.51
N SER B 61 -22.59 14.63 3.34
CA SER B 61 -22.09 14.37 4.68
C SER B 61 -20.72 13.71 4.63
N GLY B 62 -19.79 14.25 5.41
CA GLY B 62 -18.40 13.84 5.37
C GLY B 62 -17.49 14.81 4.64
N VAL B 63 -18.05 15.84 4.02
CA VAL B 63 -17.26 16.88 3.36
C VAL B 63 -17.04 18.00 4.36
N PRO B 64 -15.81 18.49 4.51
CA PRO B 64 -15.57 19.59 5.46
C PRO B 64 -16.27 20.87 5.03
N ASP B 65 -16.48 21.74 6.01
CA ASP B 65 -17.18 23.00 5.77
C ASP B 65 -16.44 23.93 4.83
N ARG B 66 -15.22 23.59 4.39
CA ARG B 66 -14.46 24.46 3.50
C ARG B 66 -15.12 24.61 2.13
N PHE B 67 -15.91 23.63 1.72
CA PHE B 67 -16.63 23.71 0.46
C PHE B 67 -18.03 24.26 0.68
N SER B 68 -18.59 24.87 -0.37
CA SER B 68 -19.93 25.43 -0.29
C SER B 68 -20.48 25.74 -1.68
N GLY B 69 -21.71 25.28 -1.96
CA GLY B 69 -22.36 25.62 -3.21
C GLY B 69 -23.23 26.86 -3.10
N SER B 70 -23.65 27.36 -4.27
CA SER B 70 -24.47 28.56 -4.34
C SER B 70 -24.94 28.75 -5.78
N GLY B 71 -26.02 29.53 -5.93
CA GLY B 71 -26.55 29.92 -7.22
C GLY B 71 -28.00 29.54 -7.36
N SER B 72 -28.54 29.79 -8.56
CA SER B 72 -29.90 29.45 -8.93
C SER B 72 -30.07 29.75 -10.42
N GLY B 73 -31.23 29.40 -10.96
CA GLY B 73 -31.53 29.66 -12.36
C GLY B 73 -30.53 29.04 -13.31
N THR B 74 -29.68 29.88 -13.90
CA THR B 74 -28.56 29.40 -14.72
C THR B 74 -27.22 29.93 -14.21
N ASP B 75 -27.18 30.52 -13.02
CA ASP B 75 -25.95 31.04 -12.41
C ASP B 75 -25.63 30.19 -11.18
N PHE B 76 -24.44 29.63 -11.13
CA PHE B 76 -24.07 28.72 -10.03
C PHE B 76 -22.59 28.90 -9.72
N THR B 77 -22.29 29.21 -8.46
CA THR B 77 -20.93 29.46 -8.01
C THR B 77 -20.56 28.52 -6.87
N LEU B 78 -19.34 28.00 -6.91
CA LEU B 78 -18.78 27.15 -5.86
C LEU B 78 -17.54 27.81 -5.30
N LYS B 79 -17.46 27.92 -3.97
CA LYS B 79 -16.35 28.58 -3.30
C LYS B 79 -15.67 27.64 -2.32
N ILE B 80 -14.38 27.89 -2.09
CA ILE B 80 -13.54 27.10 -1.19
C ILE B 80 -12.62 28.06 -0.45
N SER B 81 -12.59 27.97 0.88
CA SER B 81 -11.83 28.94 1.66
C SER B 81 -10.35 28.59 1.72
N ARG B 82 -10.01 27.44 2.28
CA ARG B 82 -8.63 27.00 2.43
C ARG B 82 -8.39 25.75 1.60
N VAL B 83 -7.41 25.83 0.70
CA VAL B 83 -7.07 24.71 -0.18
C VAL B 83 -5.86 24.00 0.40
N GLU B 84 -6.01 22.72 0.67
CA GLU B 84 -4.94 21.87 1.18
C GLU B 84 -4.68 20.77 0.17
N ALA B 85 -3.87 19.78 0.58
CA ALA B 85 -3.51 18.70 -0.32
C ALA B 85 -4.73 17.89 -0.76
N GLU B 86 -5.69 17.69 0.16
CA GLU B 86 -6.89 16.93 -0.16
C GLU B 86 -7.78 17.63 -1.18
N ASP B 87 -7.52 18.91 -1.47
CA ASP B 87 -8.37 19.70 -2.35
C ASP B 87 -7.79 19.90 -3.74
N VAL B 88 -6.50 19.58 -3.94
CA VAL B 88 -5.93 19.68 -5.28
C VAL B 88 -6.57 18.63 -6.19
N GLY B 89 -6.65 18.97 -7.47
CA GLY B 89 -7.31 18.12 -8.45
C GLY B 89 -8.46 18.83 -9.13
N VAL B 90 -8.95 18.18 -10.18
CA VAL B 90 -9.91 18.77 -11.09
C VAL B 90 -11.29 18.80 -10.44
N TYR B 91 -12.08 19.81 -10.81
CA TYR B 91 -13.45 19.95 -10.34
C TYR B 91 -14.40 19.98 -11.52
N TYR B 92 -15.53 19.28 -11.39
CA TYR B 92 -16.57 19.27 -12.39
C TYR B 92 -17.89 19.70 -11.77
N CYS B 93 -18.83 20.05 -12.64
CA CYS B 93 -20.20 20.28 -12.23
C CYS B 93 -21.13 19.65 -13.25
N GLY B 94 -22.26 19.13 -12.77
CA GLY B 94 -23.18 18.45 -13.66
C GLY B 94 -24.65 18.68 -13.38
N GLN B 95 -25.44 18.79 -14.44
CA GLN B 95 -26.88 18.84 -14.30
C GLN B 95 -27.46 17.42 -14.24
N GLY B 96 -28.54 17.28 -13.48
CA GLY B 96 -29.23 16.01 -13.38
C GLY B 96 -30.70 16.16 -13.63
N THR B 97 -31.07 17.20 -14.38
CA THR B 97 -32.47 17.57 -14.59
C THR B 97 -33.02 17.08 -15.92
N GLN B 98 -32.44 17.52 -17.04
CA GLN B 98 -32.91 17.16 -18.37
C GLN B 98 -31.96 16.17 -19.01
N TYR B 99 -32.54 15.12 -19.59
CA TYR B 99 -31.76 14.13 -20.31
C TYR B 99 -31.31 14.68 -21.66
N PRO B 100 -30.12 14.28 -22.12
CA PRO B 100 -29.12 13.53 -21.34
C PRO B 100 -28.26 14.47 -20.51
N PHE B 101 -27.77 13.98 -19.37
CA PHE B 101 -27.04 14.82 -18.43
C PHE B 101 -25.73 15.30 -19.04
N THR B 102 -25.05 16.18 -18.31
CA THR B 102 -23.81 16.76 -18.81
C THR B 102 -22.89 17.07 -17.64
N PHE B 103 -21.59 17.09 -17.91
CA PHE B 103 -20.57 17.48 -16.94
C PHE B 103 -19.80 18.68 -17.46
N GLY B 104 -19.10 19.36 -16.55
CA GLY B 104 -18.26 20.46 -16.92
C GLY B 104 -17.00 20.01 -17.65
N SER B 105 -16.24 20.99 -18.13
CA SER B 105 -15.02 20.70 -18.88
C SER B 105 -13.87 20.29 -17.97
N GLY B 106 -13.95 20.58 -16.67
CA GLY B 106 -12.90 20.22 -15.75
C GLY B 106 -12.07 21.41 -15.29
N THR B 107 -12.16 21.73 -14.00
CA THR B 107 -11.44 22.86 -13.42
C THR B 107 -10.23 22.31 -12.68
N LYS B 108 -9.11 22.19 -13.41
CA LYS B 108 -7.88 21.68 -12.82
C LYS B 108 -7.40 22.60 -11.70
N VAL B 109 -7.11 22.01 -10.55
CA VAL B 109 -6.69 22.77 -9.37
C VAL B 109 -5.51 22.06 -8.72
N GLU B 110 -4.51 22.84 -8.32
CA GLU B 110 -3.41 22.36 -7.49
C GLU B 110 -2.98 23.53 -6.60
N ILE B 111 -1.79 23.44 -6.01
CA ILE B 111 -1.29 24.46 -5.11
C ILE B 111 0.01 24.99 -5.69
N LYS B 112 0.17 26.32 -5.71
CA LYS B 112 1.42 26.93 -6.14
C LYS B 112 2.37 27.02 -4.95
N GLY B 113 3.65 26.87 -5.22
CA GLY B 113 4.63 26.46 -4.24
C GLY B 113 4.57 27.07 -2.85
N GLN B 114 4.20 26.25 -1.88
CA GLN B 114 4.36 26.58 -0.47
C GLN B 114 5.84 26.42 -0.16
N PRO B 115 6.26 26.61 1.15
CA PRO B 115 7.70 26.60 1.48
C PRO B 115 8.53 25.60 0.72
N LYS B 116 9.70 26.04 0.25
CA LYS B 116 10.52 25.22 -0.63
C LYS B 116 11.08 24.07 0.17
N ALA B 117 10.32 22.97 0.23
CA ALA B 117 10.62 21.86 1.12
C ALA B 117 12.04 21.34 0.94
N ALA B 118 12.66 21.59 -0.21
CA ALA B 118 14.00 21.10 -0.51
C ALA B 118 14.00 19.60 -0.28
N PRO B 119 13.38 18.80 -1.20
CA PRO B 119 12.96 17.42 -0.91
C PRO B 119 13.82 16.66 0.09
N ASP B 120 13.14 16.03 1.04
CA ASP B 120 13.67 15.71 2.36
C ASP B 120 14.98 14.93 2.42
N ILE B 121 14.90 13.67 2.03
CA ILE B 121 15.96 12.71 2.27
C ILE B 121 15.61 11.45 1.50
N GLN B 122 16.61 10.67 1.12
CA GLN B 122 16.37 9.40 0.47
C GLN B 122 17.29 8.37 1.10
N MET B 123 16.71 7.27 1.58
CA MET B 123 17.44 6.22 2.27
C MET B 123 17.25 4.91 1.50
N THR B 124 18.34 4.40 0.94
CA THR B 124 18.34 3.16 0.18
C THR B 124 19.01 2.07 1.01
N GLN B 125 18.35 0.93 1.14
CA GLN B 125 18.91 -0.23 1.83
C GLN B 125 18.68 -1.45 0.96
N SER B 126 19.76 -2.16 0.65
CA SER B 126 19.65 -3.41 -0.09
C SER B 126 20.09 -4.57 0.80
N PRO B 127 19.44 -5.74 0.68
CA PRO B 127 18.29 -5.94 -0.21
C PRO B 127 16.98 -5.79 0.54
N SER B 128 15.86 -5.90 -0.19
CA SER B 128 14.57 -6.03 0.47
C SER B 128 14.50 -7.31 1.28
N SER B 129 15.20 -8.36 0.83
CA SER B 129 15.35 -9.59 1.58
C SER B 129 16.46 -10.41 0.96
N LEU B 130 17.35 -10.92 1.81
CA LEU B 130 18.39 -11.87 1.41
C LEU B 130 18.11 -13.22 2.04
N SER B 131 18.95 -14.21 1.70
CA SER B 131 18.88 -15.55 2.28
C SER B 131 20.30 -15.94 2.66
N ALA B 132 20.71 -15.58 3.87
CA ALA B 132 22.05 -15.85 4.36
C ALA B 132 22.00 -16.91 5.46
N SER B 133 22.95 -17.84 5.42
CA SER B 133 22.97 -18.94 6.37
C SER B 133 23.39 -18.47 7.76
N VAL B 134 23.20 -19.35 8.73
CA VAL B 134 23.49 -19.02 10.13
C VAL B 134 25.01 -19.04 10.33
N GLY B 135 25.56 -17.90 10.75
CA GLY B 135 26.98 -17.78 11.00
C GLY B 135 27.74 -17.04 9.92
N ASP B 136 27.21 -16.98 8.70
CA ASP B 136 27.86 -16.25 7.63
C ASP B 136 28.02 -14.79 7.99
N ARG B 137 29.17 -14.23 7.62
CA ARG B 137 29.38 -12.79 7.78
C ARG B 137 28.43 -12.02 6.87
N VAL B 138 27.53 -11.25 7.47
CA VAL B 138 26.59 -10.42 6.75
C VAL B 138 26.86 -8.96 7.08
N THR B 139 27.01 -8.14 6.05
CA THR B 139 27.27 -6.71 6.18
C THR B 139 26.35 -5.98 5.21
N ILE B 140 25.28 -5.38 5.72
CA ILE B 140 24.30 -4.68 4.91
C ILE B 140 24.67 -3.21 4.82
N THR B 141 24.55 -2.63 3.63
CA THR B 141 24.95 -1.26 3.37
C THR B 141 23.78 -0.30 3.59
N CYS B 142 24.10 1.00 3.60
CA CYS B 142 23.10 2.05 3.77
C CYS B 142 23.60 3.28 3.02
N GLN B 143 22.90 3.65 1.94
CA GLN B 143 23.30 4.75 1.08
C GLN B 143 22.26 5.85 1.10
N ALA B 144 22.72 7.09 1.04
CA ALA B 144 21.86 8.27 0.92
C ALA B 144 22.22 9.04 -0.33
N SER B 145 21.35 9.99 -0.69
CA SER B 145 21.57 10.83 -1.85
C SER B 145 22.17 12.19 -1.49
N GLN B 146 22.11 12.60 -0.23
CA GLN B 146 22.70 13.84 0.25
C GLN B 146 23.88 13.53 1.16
N ASN B 147 24.45 14.58 1.75
CA ASN B 147 25.64 14.46 2.58
C ASN B 147 25.21 14.55 4.04
N ILE B 148 24.90 13.40 4.63
CA ILE B 148 24.78 13.27 6.08
C ILE B 148 26.17 12.90 6.60
N TYR B 149 26.75 13.77 7.41
CA TYR B 149 28.09 13.53 7.92
C TYR B 149 28.10 12.24 8.75
N VAL B 150 27.45 12.26 9.92
CA VAL B 150 27.22 11.03 10.68
C VAL B 150 25.86 11.05 11.38
N TRP B 151 24.84 10.43 10.78
CA TRP B 151 23.54 10.31 11.49
C TRP B 151 22.84 8.99 11.19
N LEU B 152 23.58 7.87 11.23
CA LEU B 152 22.95 6.58 11.04
C LEU B 152 22.50 5.95 12.36
N ASN B 153 21.42 5.17 12.29
CA ASN B 153 20.89 4.44 13.43
C ASN B 153 20.36 3.09 12.95
N TRP B 154 20.91 2.01 13.50
CA TRP B 154 20.56 0.65 13.09
C TRP B 154 19.53 0.07 14.05
N TYR B 155 18.35 -0.25 13.52
CA TYR B 155 17.24 -0.78 14.31
C TYR B 155 16.97 -2.22 13.90
N GLN B 156 17.52 -3.16 14.68
CA GLN B 156 17.05 -4.54 14.61
C GLN B 156 15.57 -4.59 14.92
N GLN B 157 14.80 -5.10 13.98
CA GLN B 157 13.35 -5.24 14.18
C GLN B 157 12.93 -6.57 13.55
N LYS B 158 12.88 -7.61 14.38
CA LYS B 158 12.21 -8.84 13.97
C LYS B 158 10.80 -8.48 13.51
N PRO B 159 10.33 -9.02 12.38
CA PRO B 159 8.96 -8.72 11.97
C PRO B 159 7.96 -9.10 13.06
N GLY B 160 7.35 -8.08 13.67
CA GLY B 160 6.34 -8.30 14.70
C GLY B 160 6.56 -7.55 16.00
N LYS B 161 7.81 -7.42 16.44
CA LYS B 161 8.12 -6.81 17.72
C LYS B 161 8.50 -5.34 17.53
N ALA B 162 8.73 -4.65 18.65
CA ALA B 162 9.07 -3.24 18.60
C ALA B 162 10.51 -3.07 18.12
N PRO B 163 10.79 -2.02 17.34
CA PRO B 163 12.17 -1.81 16.87
C PRO B 163 13.15 -1.71 18.04
N LYS B 164 14.33 -2.29 17.84
CA LYS B 164 15.38 -2.31 18.85
C LYS B 164 16.59 -1.61 18.26
N LEU B 165 16.96 -0.47 18.83
CA LEU B 165 18.14 0.26 18.37
C LEU B 165 19.39 -0.58 18.64
N LEU B 166 20.18 -0.78 17.59
CA LEU B 166 21.40 -1.58 17.67
C LEU B 166 22.65 -0.74 17.89
N ILE B 167 22.73 0.43 17.25
CA ILE B 167 23.91 1.28 17.32
C ILE B 167 23.45 2.73 17.21
N TYR B 168 23.78 3.55 18.21
CA TYR B 168 23.34 4.95 18.21
C TYR B 168 24.41 5.89 17.63
N LYS B 169 24.94 5.54 16.46
CA LYS B 169 25.83 6.37 15.66
C LYS B 169 26.08 5.64 14.34
N ALA B 170 27.03 6.16 13.55
CA ALA B 170 27.49 5.47 12.36
C ALA B 170 27.99 4.07 12.71
N SER B 171 28.94 3.98 13.65
CA SER B 171 29.38 2.69 14.18
C SER B 171 29.79 2.91 15.64
N ASN B 172 28.85 2.69 16.55
CA ASN B 172 29.11 2.82 17.99
C ASN B 172 28.20 1.87 18.73
N LEU B 173 28.79 0.90 19.43
CA LEU B 173 28.02 -0.15 20.08
C LEU B 173 27.01 0.41 21.06
N HIS B 174 25.72 0.29 20.74
CA HIS B 174 24.67 0.67 21.66
C HIS B 174 24.54 -0.39 22.74
N THR B 175 24.32 0.06 23.98
CA THR B 175 24.32 -0.85 25.13
C THR B 175 23.09 -1.75 25.12
N GLY B 176 23.28 -3.01 25.46
CA GLY B 176 22.25 -4.03 25.36
C GLY B 176 22.37 -4.93 24.15
N VAL B 177 23.42 -4.77 23.37
CA VAL B 177 23.59 -5.47 22.10
C VAL B 177 25.02 -6.01 22.06
N PRO B 178 25.24 -7.26 21.66
CA PRO B 178 26.56 -7.87 21.78
C PRO B 178 27.63 -7.13 21.00
N SER B 179 28.89 -7.41 21.36
CA SER B 179 30.04 -6.75 20.78
C SER B 179 30.30 -7.15 19.33
N ARG B 180 29.48 -8.02 18.74
CA ARG B 180 29.67 -8.41 17.34
C ARG B 180 28.96 -7.48 16.37
N PHE B 181 27.94 -6.75 16.84
CA PHE B 181 27.22 -5.76 16.03
C PHE B 181 28.10 -4.53 15.88
N SER B 182 29.00 -4.59 14.91
CA SER B 182 29.89 -3.49 14.59
C SER B 182 29.52 -2.89 13.24
N GLY B 183 29.97 -1.66 13.02
CA GLY B 183 29.73 -0.97 11.76
C GLY B 183 31.03 -0.39 11.21
N SER B 184 30.89 0.26 10.06
CA SER B 184 32.05 0.83 9.38
C SER B 184 31.59 1.76 8.26
N GLY B 185 32.45 2.72 7.93
CA GLY B 185 32.22 3.63 6.83
C GLY B 185 33.23 4.75 6.81
N SER B 186 33.77 5.06 5.63
CA SER B 186 34.78 6.10 5.46
C SER B 186 34.26 7.09 4.41
N GLY B 187 33.47 8.05 4.84
CA GLY B 187 32.98 9.07 3.94
C GLY B 187 31.46 9.21 3.91
N THR B 188 30.88 9.10 2.72
CA THR B 188 29.47 9.41 2.51
C THR B 188 28.54 8.23 2.78
N ASP B 189 29.04 7.00 2.68
CA ASP B 189 28.19 5.81 2.76
C ASP B 189 28.76 4.84 3.79
N PHE B 190 28.07 4.72 4.93
CA PHE B 190 28.50 3.84 6.00
C PHE B 190 27.83 2.46 5.88
N THR B 191 28.18 1.56 6.79
CA THR B 191 27.76 0.16 6.71
C THR B 191 27.69 -0.40 8.14
N LEU B 192 27.26 -1.66 8.24
CA LEU B 192 27.15 -2.40 9.50
C LEU B 192 27.71 -3.80 9.29
N THR B 193 28.58 -4.24 10.21
CA THR B 193 29.24 -5.55 10.09
C THR B 193 28.73 -6.48 11.20
N ILE B 194 27.82 -7.37 10.84
CA ILE B 194 27.45 -8.49 11.70
C ILE B 194 28.51 -9.57 11.46
N SER B 195 29.35 -9.82 12.47
CA SER B 195 30.41 -10.82 12.32
C SER B 195 29.82 -12.20 12.05
N SER B 196 28.98 -12.67 12.97
CA SER B 196 28.34 -13.96 12.85
C SER B 196 26.83 -13.80 12.88
N LEU B 197 26.15 -14.39 11.92
CA LEU B 197 24.69 -14.38 11.89
C LEU B 197 24.17 -15.45 12.85
N GLN B 198 23.20 -15.07 13.67
CA GLN B 198 22.67 -15.97 14.69
C GLN B 198 21.16 -16.15 14.50
N PRO B 199 20.51 -17.09 15.20
CA PRO B 199 19.08 -17.29 14.98
C PRO B 199 18.20 -16.13 15.43
N GLU B 200 18.60 -15.40 16.48
CA GLU B 200 17.83 -14.24 16.92
C GLU B 200 18.01 -13.03 16.01
N ASP B 201 18.94 -13.09 15.06
CA ASP B 201 19.09 -12.04 14.07
C ASP B 201 18.13 -12.17 12.89
N ILE B 202 17.22 -13.14 12.92
CA ILE B 202 16.23 -13.30 11.86
C ILE B 202 15.24 -12.16 12.00
N ALA B 203 15.40 -11.12 11.19
CA ALA B 203 14.72 -9.86 11.42
C ALA B 203 14.58 -9.12 10.10
N THR B 204 14.23 -7.84 10.19
CA THR B 204 14.17 -6.92 9.06
C THR B 204 14.92 -5.68 9.49
N TYR B 205 16.15 -5.51 9.00
CA TYR B 205 17.05 -4.50 9.55
C TYR B 205 16.80 -3.14 8.91
N TYR B 206 17.09 -2.10 9.68
CA TYR B 206 16.82 -0.71 9.30
C TYR B 206 18.00 0.18 9.66
N CYS B 207 18.23 1.19 8.83
CA CYS B 207 19.16 2.26 9.16
C CYS B 207 18.45 3.61 9.05
N GLN B 208 18.66 4.47 10.04
CA GLN B 208 18.03 5.78 10.14
C GLN B 208 18.98 6.87 9.70
N GLN B 209 18.41 7.98 9.23
CA GLN B 209 19.14 9.22 9.01
C GLN B 209 18.62 10.27 9.97
N GLY B 210 19.49 11.20 10.36
CA GLY B 210 19.12 12.14 11.40
C GLY B 210 19.60 13.57 11.26
N GLN B 211 19.73 14.10 10.05
CA GLN B 211 20.31 15.43 9.88
C GLN B 211 19.28 16.53 9.68
N THR B 212 18.25 16.34 8.85
CA THR B 212 17.26 17.38 8.58
C THR B 212 15.88 16.76 8.53
N TYR B 213 14.87 17.57 8.87
CA TYR B 213 13.51 17.04 8.80
C TYR B 213 12.94 17.25 7.41
N PRO B 214 12.07 16.34 6.88
CA PRO B 214 11.53 15.08 7.45
C PRO B 214 12.42 13.82 7.43
N TYR B 215 11.84 12.70 7.84
CA TYR B 215 12.58 11.50 8.19
C TYR B 215 11.82 10.29 7.67
N THR B 216 12.50 9.42 6.91
CA THR B 216 11.89 8.16 6.47
C THR B 216 13.01 7.13 6.22
N PHE B 217 13.19 6.23 7.19
CA PHE B 217 14.03 5.06 6.95
C PHE B 217 13.27 3.98 6.19
N GLY B 218 12.12 3.54 6.70
CA GLY B 218 11.05 2.96 5.91
C GLY B 218 11.39 2.11 4.69
N GLN B 219 12.42 1.27 4.80
CA GLN B 219 12.82 0.41 3.69
C GLN B 219 12.69 -1.07 4.00
N GLY B 220 13.40 -1.58 5.00
CA GLY B 220 13.32 -2.98 5.35
C GLY B 220 14.32 -3.89 4.65
N THR B 221 15.24 -4.46 5.42
CA THR B 221 16.14 -5.51 4.93
C THR B 221 15.77 -6.77 5.71
N LYS B 222 14.79 -7.51 5.20
CA LYS B 222 14.24 -8.66 5.89
C LYS B 222 15.16 -9.85 5.69
N LEU B 223 15.96 -10.16 6.71
CA LEU B 223 16.87 -11.30 6.68
C LEU B 223 16.07 -12.57 6.96
N GLU B 224 15.71 -13.29 5.90
CA GLU B 224 14.98 -14.54 6.05
C GLU B 224 15.95 -15.71 6.11
N ILE B 225 15.54 -16.76 6.81
CA ILE B 225 16.41 -17.90 7.10
C ILE B 225 16.51 -18.80 5.87
N LYS B 226 17.63 -19.53 5.76
CA LYS B 226 17.91 -20.38 4.63
C LYS B 226 17.84 -21.85 5.05
N THR B 227 16.93 -22.59 4.42
CA THR B 227 16.93 -24.04 4.26
C THR B 227 15.89 -24.40 3.21
N LYS B 228 16.20 -25.30 2.29
CA LYS B 228 15.14 -25.77 1.40
C LYS B 228 14.15 -26.65 2.16
N GLY B 229 14.62 -27.76 2.74
CA GLY B 229 13.80 -28.58 3.59
C GLY B 229 14.33 -29.04 4.95
N PRO B 230 15.68 -29.18 5.15
CA PRO B 230 16.18 -29.90 6.34
C PRO B 230 15.41 -29.73 7.64
N SER B 231 14.88 -28.53 7.91
CA SER B 231 14.02 -28.36 9.09
C SER B 231 12.57 -28.74 8.82
N ARG B 232 12.31 -29.42 7.70
CA ARG B 232 10.99 -29.93 7.35
C ARG B 232 11.17 -31.40 7.02
N THR B 233 10.55 -32.27 7.81
CA THR B 233 10.88 -33.68 7.79
C THR B 233 10.25 -34.40 6.59
N VAL B 234 10.49 -35.71 6.52
CA VAL B 234 10.05 -36.51 5.37
C VAL B 234 8.54 -36.52 5.29
N ALA B 235 8.02 -36.41 4.06
CA ALA B 235 6.60 -36.49 3.80
C ALA B 235 6.40 -37.35 2.55
N ALA B 236 6.02 -38.61 2.75
CA ALA B 236 5.68 -39.45 1.61
C ALA B 236 4.48 -38.86 0.87
N PRO B 237 4.45 -39.01 -0.45
CA PRO B 237 3.37 -38.42 -1.25
C PRO B 237 2.09 -39.25 -1.21
N SER B 238 1.02 -38.63 -1.70
CA SER B 238 -0.28 -39.24 -1.87
C SER B 238 -0.58 -39.28 -3.37
N VAL B 239 -0.83 -40.48 -3.90
CA VAL B 239 -0.71 -40.74 -5.33
C VAL B 239 -2.07 -41.07 -5.91
N PHE B 240 -2.45 -40.36 -6.97
CA PHE B 240 -3.74 -40.52 -7.64
C PHE B 240 -3.53 -40.52 -9.14
N ILE B 241 -4.36 -41.27 -9.86
CA ILE B 241 -4.25 -41.42 -11.30
C ILE B 241 -5.61 -41.14 -11.93
N PHE B 242 -5.64 -40.24 -12.93
CA PHE B 242 -6.87 -39.87 -13.61
C PHE B 242 -6.85 -40.35 -15.05
N PRO B 243 -7.88 -41.07 -15.50
CA PRO B 243 -7.99 -41.38 -16.92
C PRO B 243 -8.48 -40.17 -17.69
N PRO B 244 -8.56 -40.24 -19.01
CA PRO B 244 -9.14 -39.12 -19.77
C PRO B 244 -10.62 -38.97 -19.51
N SER B 245 -11.23 -37.97 -20.13
CA SER B 245 -12.68 -37.81 -20.14
C SER B 245 -13.23 -38.42 -21.41
N ASP B 246 -14.39 -39.07 -21.31
CA ASP B 246 -15.11 -39.48 -22.51
C ASP B 246 -15.44 -38.30 -23.41
N GLU B 247 -15.34 -37.07 -22.89
CA GLU B 247 -15.49 -35.88 -23.71
C GLU B 247 -14.30 -35.71 -24.65
N GLN B 248 -13.08 -36.00 -24.17
CA GLN B 248 -11.91 -35.78 -24.99
C GLN B 248 -11.62 -36.94 -25.93
N LEU B 249 -11.98 -38.17 -25.54
CA LEU B 249 -11.87 -39.30 -26.47
C LEU B 249 -12.64 -39.02 -27.76
N LYS B 250 -13.83 -38.45 -27.63
CA LYS B 250 -14.62 -38.06 -28.81
C LYS B 250 -14.08 -36.82 -29.50
N SER B 251 -12.97 -36.25 -29.02
CA SER B 251 -12.31 -35.14 -29.70
C SER B 251 -10.96 -35.55 -30.28
N GLY B 252 -10.54 -36.80 -30.10
CA GLY B 252 -9.32 -37.28 -30.72
C GLY B 252 -8.16 -37.46 -29.75
N THR B 253 -7.98 -36.52 -28.83
CA THR B 253 -6.88 -36.55 -27.88
C THR B 253 -7.31 -37.27 -26.61
N ALA B 254 -6.32 -37.82 -25.88
CA ALA B 254 -6.59 -38.59 -24.67
C ALA B 254 -5.49 -38.30 -23.65
N SER B 255 -5.78 -37.40 -22.72
CA SER B 255 -4.82 -37.04 -21.67
C SER B 255 -5.00 -37.95 -20.46
N VAL B 256 -3.89 -38.27 -19.80
CA VAL B 256 -3.88 -39.05 -18.57
C VAL B 256 -2.95 -38.35 -17.59
N VAL B 257 -3.29 -38.41 -16.30
CA VAL B 257 -2.52 -37.72 -15.27
C VAL B 257 -2.15 -38.67 -14.16
N CYS B 258 -1.00 -38.41 -13.53
CA CYS B 258 -0.51 -39.15 -12.37
C CYS B 258 -0.19 -38.10 -11.30
N LEU B 259 -1.19 -37.70 -10.54
CA LEU B 259 -1.05 -36.58 -9.62
C LEU B 259 -0.45 -37.07 -8.31
N LEU B 260 0.72 -36.54 -7.97
CA LEU B 260 1.32 -36.71 -6.66
C LEU B 260 0.82 -35.58 -5.76
N ASN B 261 0.91 -35.79 -4.44
CA ASN B 261 0.38 -34.76 -3.56
C ASN B 261 1.06 -34.76 -2.20
N ASN B 262 1.53 -33.58 -1.80
CA ASN B 262 2.01 -33.28 -0.45
C ASN B 262 3.16 -34.20 -0.04
N PHE B 263 4.28 -34.01 -0.73
CA PHE B 263 5.51 -34.70 -0.41
C PHE B 263 6.66 -33.72 -0.20
N TYR B 264 7.52 -34.04 0.76
CA TYR B 264 8.86 -33.52 0.78
C TYR B 264 9.84 -34.70 0.79
N PRO B 265 10.97 -34.63 0.06
CA PRO B 265 11.47 -33.52 -0.77
C PRO B 265 11.05 -33.48 -2.24
N ARG B 266 11.55 -32.44 -2.91
CA ARG B 266 11.29 -32.21 -4.33
C ARG B 266 11.61 -33.43 -5.18
N GLU B 267 12.54 -34.27 -4.72
CA GLU B 267 13.04 -35.38 -5.50
C GLU B 267 11.95 -36.42 -5.69
N ALA B 268 11.62 -36.72 -6.95
CA ALA B 268 10.59 -37.71 -7.25
C ALA B 268 10.90 -38.36 -8.59
N LYS B 269 10.36 -39.56 -8.78
CA LYS B 269 10.58 -40.31 -10.01
C LYS B 269 9.27 -40.95 -10.43
N VAL B 270 8.87 -40.69 -11.67
CA VAL B 270 7.60 -41.14 -12.23
C VAL B 270 7.88 -41.86 -13.55
N GLN B 271 7.14 -42.93 -13.82
CA GLN B 271 7.34 -43.72 -15.04
C GLN B 271 6.01 -44.27 -15.49
N TRP B 272 5.50 -43.78 -16.62
CA TRP B 272 4.29 -44.33 -17.20
C TRP B 272 4.58 -45.71 -17.80
N LYS B 273 3.90 -46.73 -17.30
CA LYS B 273 4.02 -48.11 -17.80
C LYS B 273 2.68 -48.50 -18.43
N VAL B 274 2.51 -48.19 -19.71
CA VAL B 274 1.31 -48.65 -20.40
C VAL B 274 1.48 -50.13 -20.73
N ASP B 275 0.54 -50.95 -20.24
CA ASP B 275 0.59 -52.41 -20.42
C ASP B 275 1.86 -53.02 -19.85
N ASN B 276 2.41 -52.38 -18.80
CA ASN B 276 3.74 -52.66 -18.29
C ASN B 276 4.83 -52.49 -19.36
N ALA B 277 4.46 -52.00 -20.54
CA ALA B 277 5.40 -51.65 -21.61
C ALA B 277 5.79 -50.20 -21.37
N LEU B 278 6.87 -50.02 -20.62
CA LEU B 278 7.34 -48.71 -20.17
C LEU B 278 7.41 -47.73 -21.33
N GLN B 279 6.58 -46.69 -21.29
CA GLN B 279 6.56 -45.67 -22.33
C GLN B 279 7.48 -44.52 -21.95
N SER B 280 7.91 -43.77 -22.97
CA SER B 280 8.83 -42.66 -22.75
C SER B 280 8.77 -41.71 -23.93
N GLY B 281 8.38 -40.45 -23.67
CA GLY B 281 8.36 -39.43 -24.70
C GLY B 281 7.02 -38.74 -24.89
N ASN B 282 6.14 -38.85 -23.91
CA ASN B 282 4.78 -38.34 -24.02
C ASN B 282 4.36 -37.45 -22.86
N SER B 283 5.14 -37.38 -21.78
CA SER B 283 4.71 -36.84 -20.52
C SER B 283 5.42 -35.53 -20.22
N GLN B 284 4.65 -34.52 -19.81
CA GLN B 284 5.21 -33.28 -19.28
C GLN B 284 5.05 -33.26 -17.77
N GLU B 285 6.11 -32.83 -17.09
CA GLU B 285 6.14 -32.74 -15.63
C GLU B 285 5.88 -31.30 -15.21
N SER B 286 4.99 -31.12 -14.23
CA SER B 286 4.71 -29.81 -13.66
C SER B 286 4.67 -29.93 -12.15
N VAL B 287 5.42 -29.08 -11.46
CA VAL B 287 5.49 -29.12 -10.00
C VAL B 287 5.24 -27.72 -9.46
N THR B 288 4.69 -27.67 -8.24
CA THR B 288 4.41 -26.41 -7.57
C THR B 288 5.59 -25.97 -6.71
N GLU B 289 5.47 -24.79 -6.12
CA GLU B 289 6.50 -24.33 -5.21
C GLU B 289 6.18 -24.74 -3.78
N GLN B 290 7.24 -24.75 -2.96
CA GLN B 290 7.13 -25.17 -1.56
C GLN B 290 5.97 -24.47 -0.87
N ASP B 291 5.15 -25.27 -0.18
CA ASP B 291 3.93 -24.75 0.40
C ASP B 291 4.22 -23.75 1.52
N SER B 292 3.23 -22.89 1.78
CA SER B 292 3.38 -21.87 2.81
C SER B 292 3.46 -22.50 4.19
N LYS B 293 2.63 -23.52 4.44
CA LYS B 293 2.50 -24.13 5.76
C LYS B 293 3.42 -25.33 5.94
N ASP B 294 3.22 -26.35 5.12
CA ASP B 294 3.88 -27.64 5.33
C ASP B 294 5.20 -27.77 4.58
N SER B 295 5.57 -26.80 3.75
CA SER B 295 6.84 -26.81 3.03
C SER B 295 6.99 -28.05 2.16
N THR B 296 5.89 -28.54 1.59
CA THR B 296 5.89 -29.72 0.74
C THR B 296 5.55 -29.34 -0.69
N TYR B 297 6.11 -30.08 -1.64
CA TYR B 297 5.80 -29.89 -3.05
C TYR B 297 4.68 -30.84 -3.45
N SER B 298 4.07 -30.56 -4.60
CA SER B 298 3.04 -31.43 -5.15
C SER B 298 3.17 -31.41 -6.66
N LEU B 299 3.11 -32.60 -7.27
CA LEU B 299 3.55 -32.80 -8.65
C LEU B 299 2.49 -33.49 -9.48
N SER B 300 2.45 -33.14 -10.77
CA SER B 300 1.58 -33.78 -11.75
C SER B 300 2.40 -34.27 -12.93
N SER B 301 1.94 -35.36 -13.55
CA SER B 301 2.55 -35.88 -14.77
C SER B 301 1.43 -36.12 -15.78
N THR B 302 1.52 -35.48 -16.93
CA THR B 302 0.45 -35.51 -17.93
C THR B 302 0.92 -36.31 -19.15
N LEU B 303 0.66 -37.61 -19.12
CA LEU B 303 0.80 -38.41 -20.33
C LEU B 303 -0.35 -38.07 -21.29
N THR B 304 -0.03 -38.10 -22.58
CA THR B 304 -0.98 -37.70 -23.61
C THR B 304 -0.76 -38.57 -24.84
N LEU B 305 -1.83 -38.81 -25.58
CA LEU B 305 -1.76 -39.57 -26.82
C LEU B 305 -3.10 -39.43 -27.55
N SER B 306 -3.19 -40.09 -28.70
CA SER B 306 -4.35 -40.01 -29.58
C SER B 306 -5.39 -41.07 -29.22
N LYS B 307 -6.65 -40.76 -29.50
CA LYS B 307 -7.73 -41.74 -29.45
C LYS B 307 -7.29 -43.02 -30.14
N ALA B 308 -6.94 -42.90 -31.44
CA ALA B 308 -6.57 -44.04 -32.27
C ALA B 308 -5.62 -45.00 -31.54
N ASP B 309 -4.50 -44.47 -31.03
CA ASP B 309 -3.58 -45.31 -30.28
C ASP B 309 -4.03 -45.53 -28.84
N TYR B 310 -4.95 -44.71 -28.33
CA TYR B 310 -5.48 -44.96 -26.98
C TYR B 310 -6.41 -46.17 -26.98
N GLU B 311 -7.32 -46.25 -27.95
CA GLU B 311 -8.23 -47.38 -28.02
C GLU B 311 -7.52 -48.71 -28.27
N LYS B 312 -6.19 -48.70 -28.45
CA LYS B 312 -5.43 -49.93 -28.70
C LYS B 312 -5.16 -50.69 -27.41
N HIS B 313 -4.67 -50.00 -26.39
CA HIS B 313 -4.21 -50.63 -25.16
C HIS B 313 -5.29 -50.53 -24.09
N LYS B 314 -5.06 -51.23 -22.97
CA LYS B 314 -6.08 -51.26 -21.93
C LYS B 314 -5.53 -50.91 -20.54
N VAL B 315 -4.27 -51.21 -20.26
CA VAL B 315 -3.69 -50.99 -18.94
C VAL B 315 -2.84 -49.74 -18.97
N TYR B 316 -3.07 -48.85 -17.99
CA TYR B 316 -2.33 -47.59 -17.90
C TYR B 316 -1.96 -47.38 -16.43
N ALA B 317 -0.67 -47.22 -16.15
CA ALA B 317 -0.19 -47.08 -14.78
C ALA B 317 0.96 -46.08 -14.76
N CYS B 318 1.41 -45.73 -13.55
CA CYS B 318 2.55 -44.84 -13.39
C CYS B 318 3.26 -45.21 -12.09
N GLU B 319 4.33 -45.99 -12.20
CA GLU B 319 5.13 -46.36 -11.04
C GLU B 319 5.74 -45.12 -10.42
N VAL B 320 5.21 -44.68 -9.29
CA VAL B 320 5.76 -43.55 -8.57
C VAL B 320 6.75 -44.08 -7.54
N THR B 321 7.90 -43.42 -7.46
CA THR B 321 8.94 -43.74 -6.51
C THR B 321 9.20 -42.51 -5.64
N HIS B 322 9.66 -42.73 -4.42
CA HIS B 322 10.02 -41.62 -3.56
C HIS B 322 10.87 -42.13 -2.40
N GLN B 323 11.47 -41.18 -1.68
CA GLN B 323 12.17 -41.49 -0.45
C GLN B 323 11.21 -41.94 0.64
N GLY B 324 10.18 -41.14 0.90
CA GLY B 324 9.22 -41.48 1.94
C GLY B 324 8.40 -42.71 1.65
N LEU B 325 8.42 -43.19 0.41
CA LEU B 325 7.74 -44.42 0.04
C LEU B 325 8.64 -45.61 0.33
N SER B 326 8.16 -46.52 1.18
CA SER B 326 8.93 -47.71 1.52
C SER B 326 9.22 -48.55 0.29
N SER B 327 8.33 -48.53 -0.69
CA SER B 327 8.44 -49.32 -1.90
C SER B 327 7.68 -48.59 -3.00
N PRO B 328 8.07 -48.78 -4.26
CA PRO B 328 7.40 -48.04 -5.35
C PRO B 328 5.94 -48.40 -5.50
N VAL B 329 5.06 -47.43 -5.21
CA VAL B 329 3.64 -47.63 -5.42
C VAL B 329 3.34 -47.61 -6.91
N THR B 330 2.39 -48.45 -7.32
CA THR B 330 2.00 -48.58 -8.73
C THR B 330 0.48 -48.44 -8.81
N LYS B 331 0.00 -47.22 -8.96
CA LYS B 331 -1.42 -46.97 -9.14
C LYS B 331 -1.77 -47.09 -10.62
N SER B 332 -2.92 -47.69 -10.92
CA SER B 332 -3.23 -48.10 -12.27
C SER B 332 -4.74 -48.07 -12.49
N PHE B 333 -5.15 -48.50 -13.68
CA PHE B 333 -6.55 -48.71 -14.04
C PHE B 333 -6.57 -49.45 -15.37
N ASN B 334 -7.75 -49.91 -15.77
CA ASN B 334 -7.94 -50.54 -17.07
C ASN B 334 -8.95 -49.77 -17.90
N ARG B 335 -8.82 -49.89 -19.21
CA ARG B 335 -9.57 -49.05 -20.13
C ARG B 335 -11.06 -49.40 -20.12
N GLY B 336 -11.89 -48.37 -20.32
CA GLY B 336 -13.31 -48.57 -20.52
C GLY B 336 -14.04 -48.88 -19.23
N GLU B 337 -13.72 -50.02 -18.64
CA GLU B 337 -14.36 -50.44 -17.40
C GLU B 337 -13.94 -49.53 -16.24
N CYS B 338 -14.51 -49.80 -15.07
CA CYS B 338 -14.27 -48.98 -13.89
C CYS B 338 -13.78 -49.82 -12.72
N GLN C 1 11.88 -1.13 33.87
CA GLN C 1 10.59 -0.46 33.80
C GLN C 1 10.66 0.88 33.08
N VAL C 2 11.66 1.02 32.19
CA VAL C 2 11.80 2.19 31.33
C VAL C 2 11.21 1.78 29.98
N GLN C 3 9.93 2.10 29.80
CA GLN C 3 9.18 1.62 28.64
C GLN C 3 8.14 2.65 28.26
N LEU C 4 7.22 2.27 27.37
CA LEU C 4 6.13 3.13 26.93
C LEU C 4 4.89 2.28 26.76
N VAL C 5 3.92 2.45 27.66
CA VAL C 5 2.68 1.68 27.64
C VAL C 5 1.79 2.26 26.55
N GLN C 6 1.50 1.46 25.54
CA GLN C 6 0.78 1.87 24.35
C GLN C 6 -0.70 1.47 24.49
N SER C 7 -1.54 2.03 23.62
CA SER C 7 -2.99 1.84 23.71
C SER C 7 -3.38 0.49 23.10
N GLY C 8 -4.68 0.21 23.06
CA GLY C 8 -5.18 -1.10 22.68
C GLY C 8 -5.55 -1.20 21.21
N ALA C 9 -6.21 -2.32 20.89
CA ALA C 9 -6.58 -2.64 19.52
C ALA C 9 -7.73 -1.75 19.05
N GLU C 10 -7.39 -0.64 18.38
CA GLU C 10 -8.35 0.36 17.95
C GLU C 10 -8.50 0.28 16.44
N VAL C 11 -9.75 0.15 15.97
CA VAL C 11 -10.04 -0.04 14.55
C VAL C 11 -11.32 0.72 14.22
N VAL C 12 -11.28 1.54 13.18
CA VAL C 12 -12.42 2.37 12.76
C VAL C 12 -12.33 2.61 11.26
N LYS C 13 -13.40 3.17 10.70
CA LYS C 13 -13.59 3.49 9.28
C LYS C 13 -12.57 4.50 8.79
N PRO C 14 -12.45 4.69 7.47
CA PRO C 14 -11.58 5.75 6.96
C PRO C 14 -12.18 7.13 7.20
N GLY C 15 -11.31 8.13 7.21
CA GLY C 15 -11.74 9.50 7.34
C GLY C 15 -11.91 9.95 8.78
N ALA C 16 -12.38 9.05 9.64
CA ALA C 16 -12.49 9.37 11.06
C ALA C 16 -11.11 9.36 11.70
N SER C 17 -10.96 10.14 12.77
CA SER C 17 -9.68 10.26 13.44
C SER C 17 -9.47 9.08 14.39
N VAL C 18 -8.40 9.14 15.17
CA VAL C 18 -8.08 8.13 16.17
C VAL C 18 -7.21 8.78 17.24
N LYS C 19 -7.53 8.52 18.51
CA LYS C 19 -6.75 9.04 19.61
C LYS C 19 -5.96 7.89 20.23
N VAL C 20 -4.63 8.02 20.23
CA VAL C 20 -3.74 6.99 20.75
C VAL C 20 -3.14 7.52 22.05
N SER C 21 -2.73 6.60 22.92
CA SER C 21 -2.14 6.94 24.20
C SER C 21 -0.78 6.27 24.34
N CYS C 22 0.13 6.95 25.05
CA CYS C 22 1.48 6.42 25.29
C CYS C 22 1.94 6.93 26.66
N LYS C 23 1.75 6.09 27.68
CA LYS C 23 2.15 6.44 29.04
C LYS C 23 3.65 6.17 29.23
N ALA C 24 4.36 7.15 29.76
CA ALA C 24 5.79 7.07 29.97
C ALA C 24 6.11 6.99 31.46
N SER C 25 7.14 6.22 31.81
CA SER C 25 7.55 6.06 33.19
C SER C 25 8.95 5.48 33.22
N GLY C 26 9.56 5.53 34.41
CA GLY C 26 10.91 5.02 34.61
C GLY C 26 12.02 6.03 34.38
N TYR C 27 11.69 7.23 33.93
CA TYR C 27 12.67 8.25 33.58
C TYR C 27 11.97 9.60 33.55
N THR C 28 12.66 10.62 33.07
CA THR C 28 12.10 11.97 32.98
C THR C 28 11.13 12.01 31.81
N PHE C 29 9.83 11.93 32.12
CA PHE C 29 8.83 12.07 31.07
C PHE C 29 8.91 13.45 30.43
N THR C 30 9.29 14.46 31.20
CA THR C 30 9.30 15.84 30.75
C THR C 30 10.52 16.17 29.90
N SER C 31 11.23 15.17 29.39
CA SER C 31 12.38 15.37 28.51
C SER C 31 12.30 14.33 27.40
N TYR C 32 13.40 14.21 26.67
CA TYR C 32 13.72 13.12 25.75
C TYR C 32 12.96 13.15 24.42
N TYR C 33 12.05 14.10 24.20
CA TYR C 33 11.45 14.33 22.88
C TYR C 33 10.74 13.08 22.35
N ILE C 34 9.63 12.73 23.00
CA ILE C 34 8.77 11.64 22.54
C ILE C 34 8.50 11.78 21.04
N HIS C 35 8.47 10.65 20.33
CA HIS C 35 8.15 10.60 18.91
C HIS C 35 6.94 9.69 18.66
N TRP C 36 6.61 9.52 17.39
CA TRP C 36 5.62 8.56 16.93
C TRP C 36 6.08 7.99 15.60
N VAL C 37 5.93 6.68 15.44
CA VAL C 37 6.45 5.95 14.29
C VAL C 37 5.43 4.88 13.92
N ARG C 38 4.90 4.96 12.71
CA ARG C 38 3.92 4.00 12.22
C ARG C 38 4.55 3.07 11.18
N GLN C 39 4.11 1.81 11.18
CA GLN C 39 4.67 0.76 10.34
C GLN C 39 3.64 0.35 9.28
N ALA C 40 3.79 0.88 8.08
CA ALA C 40 2.92 0.50 6.97
C ALA C 40 3.30 -0.89 6.47
N PRO C 41 2.44 -1.90 6.61
CA PRO C 41 2.80 -3.26 6.19
C PRO C 41 3.03 -3.33 4.68
N GLY C 42 4.22 -3.80 4.31
CA GLY C 42 4.63 -3.84 2.92
C GLY C 42 6.01 -3.22 2.73
N GLN C 43 6.31 -2.19 3.52
CA GLN C 43 7.62 -1.56 3.56
C GLN C 43 7.96 -1.31 5.03
N GLY C 44 8.98 -0.49 5.26
CA GLY C 44 9.49 -0.25 6.59
C GLY C 44 8.62 0.66 7.42
N LEU C 45 9.27 1.43 8.29
CA LEU C 45 8.64 2.25 9.30
C LEU C 45 8.34 3.64 8.72
N GLU C 46 8.00 4.61 9.58
CA GLU C 46 7.71 5.96 9.13
C GLU C 46 7.99 6.94 10.27
N TRP C 47 7.81 8.23 9.98
CA TRP C 47 7.98 9.31 10.95
C TRP C 47 6.97 10.40 10.69
N ILE C 48 6.53 11.04 11.78
CA ILE C 48 5.56 12.12 11.69
C ILE C 48 6.11 13.38 12.34
N GLY C 49 6.43 13.29 13.63
CA GLY C 49 6.88 14.47 14.35
C GLY C 49 7.55 14.09 15.65
N SER C 50 8.21 15.10 16.24
CA SER C 50 8.70 15.04 17.61
C SER C 50 7.85 15.99 18.45
N ILE C 51 7.83 15.74 19.76
CA ILE C 51 7.01 16.55 20.65
C ILE C 51 7.78 16.84 21.93
N TYR C 52 7.66 18.08 22.38
CA TYR C 52 8.16 18.57 23.67
C TYR C 52 7.30 19.77 24.06
N PRO C 53 6.81 19.84 25.30
CA PRO C 53 6.07 21.02 25.74
C PRO C 53 6.80 22.33 25.47
N GLY C 54 8.13 22.31 25.41
CA GLY C 54 8.88 23.54 25.24
C GLY C 54 8.85 24.08 23.81
N ASN C 55 8.83 23.18 22.82
CA ASN C 55 8.93 23.57 21.42
C ASN C 55 7.76 23.00 20.62
N VAL C 56 6.55 23.25 21.11
CA VAL C 56 5.32 22.88 20.42
C VAL C 56 5.16 23.63 19.10
N ASN C 57 6.12 24.50 18.77
CA ASN C 57 6.16 25.12 17.45
C ASN C 57 6.22 24.04 16.36
N THR C 58 5.98 24.46 15.12
CA THR C 58 5.66 23.55 14.02
C THR C 58 6.93 22.88 13.50
N ASN C 59 7.12 21.61 13.87
CA ASN C 59 8.17 20.76 13.30
C ASN C 59 7.58 19.36 13.05
N TYR C 60 6.94 19.20 11.89
CA TYR C 60 6.31 17.96 11.46
C TYR C 60 6.81 17.58 10.07
N ALA C 61 6.15 16.62 9.42
CA ALA C 61 6.46 16.23 8.05
C ALA C 61 5.48 16.89 7.08
N GLN C 62 5.84 16.85 5.78
CA GLN C 62 5.17 17.64 4.76
C GLN C 62 3.69 17.30 4.65
N LYS C 63 3.34 16.09 4.21
CA LYS C 63 1.93 15.73 4.16
C LYS C 63 1.47 15.12 5.48
N PHE C 64 1.78 15.83 6.57
CA PHE C 64 1.41 15.42 7.92
C PHE C 64 0.85 16.59 8.71
N GLN C 65 1.28 17.80 8.36
CA GLN C 65 0.85 18.98 9.10
C GLN C 65 -0.63 19.21 8.89
N GLY C 66 -1.33 19.44 10.00
CA GLY C 66 -2.77 19.57 10.01
C GLY C 66 -3.52 18.28 10.26
N ARG C 67 -2.89 17.13 10.02
CA ARG C 67 -3.50 15.83 10.22
C ARG C 67 -3.13 15.20 11.55
N ALA C 68 -1.84 15.14 11.86
CA ALA C 68 -1.38 14.65 13.16
C ALA C 68 -1.41 15.77 14.19
N THR C 69 -1.53 15.36 15.46
CA THR C 69 -1.63 16.33 16.55
C THR C 69 -1.12 15.65 17.82
N LEU C 70 0.09 15.99 18.24
CA LEU C 70 0.74 15.37 19.39
C LEU C 70 0.49 16.19 20.65
N THR C 71 0.27 15.50 21.77
CA THR C 71 0.06 16.13 23.06
C THR C 71 0.80 15.34 24.14
N VAL C 72 0.95 15.96 25.30
CA VAL C 72 1.59 15.35 26.46
C VAL C 72 0.90 15.86 27.72
N ASP C 73 1.25 15.27 28.87
CA ASP C 73 0.74 15.72 30.16
C ASP C 73 1.68 15.22 31.24
N THR C 74 2.26 16.13 32.02
CA THR C 74 3.26 15.77 33.01
C THR C 74 2.68 15.12 34.26
N SER C 75 1.41 15.37 34.58
CA SER C 75 0.84 14.91 35.84
C SER C 75 0.75 13.39 35.92
N ILE C 76 0.46 12.72 34.79
CA ILE C 76 0.49 11.26 34.73
C ILE C 76 1.51 10.75 33.73
N SER C 77 2.29 11.62 33.11
CA SER C 77 3.38 11.25 32.19
C SER C 77 2.85 10.42 31.02
N THR C 78 2.00 11.07 30.22
CA THR C 78 1.32 10.41 29.12
C THR C 78 1.47 11.24 27.85
N ALA C 79 1.60 10.54 26.72
CA ALA C 79 1.64 11.15 25.40
C ALA C 79 0.51 10.60 24.55
N TYR C 80 -0.03 11.46 23.68
CA TYR C 80 -1.17 11.10 22.84
C TYR C 80 -0.88 11.45 21.39
N MET C 81 -1.28 10.56 20.49
CA MET C 81 -1.23 10.81 19.04
C MET C 81 -2.63 10.74 18.47
N GLU C 82 -2.95 11.67 17.57
CA GLU C 82 -4.30 11.78 17.01
C GLU C 82 -4.20 12.10 15.52
N LEU C 83 -4.23 11.06 14.69
CA LEU C 83 -4.27 11.24 13.25
C LEU C 83 -5.72 11.39 12.82
N SER C 84 -5.99 12.39 11.99
CA SER C 84 -7.32 12.71 11.50
C SER C 84 -7.43 12.35 10.03
N ARG C 85 -8.64 12.51 9.47
CA ARG C 85 -8.94 12.28 8.06
C ARG C 85 -8.21 11.05 7.53
N LEU C 86 -8.34 9.94 8.26
CA LEU C 86 -7.57 8.75 7.98
C LEU C 86 -7.93 8.15 6.63
N ARG C 87 -7.03 8.30 5.66
CA ARG C 87 -7.20 7.61 4.39
C ARG C 87 -6.94 6.13 4.57
N SER C 88 -7.30 5.36 3.54
CA SER C 88 -7.09 3.91 3.59
C SER C 88 -5.59 3.58 3.67
N ASP C 89 -4.75 4.37 3.01
CA ASP C 89 -3.32 4.12 3.01
C ASP C 89 -2.65 4.50 4.32
N ASP C 90 -3.41 4.91 5.33
CA ASP C 90 -2.87 5.25 6.63
C ASP C 90 -2.81 4.03 7.56
N THR C 91 -3.33 2.88 7.12
CA THR C 91 -3.35 1.71 7.99
C THR C 91 -1.93 1.20 8.20
N ALA C 92 -1.54 1.07 9.46
CA ALA C 92 -0.16 0.76 9.83
C ALA C 92 -0.13 0.36 11.30
N VAL C 93 1.06 0.01 11.77
CA VAL C 93 1.29 -0.33 13.18
C VAL C 93 2.04 0.83 13.80
N TYR C 94 1.38 1.55 14.71
CA TYR C 94 1.91 2.78 15.26
C TYR C 94 2.71 2.53 16.54
N TYR C 95 3.83 3.21 16.66
CA TYR C 95 4.68 3.12 17.83
C TYR C 95 4.92 4.52 18.40
N CYS C 96 5.22 4.57 19.69
CA CYS C 96 5.79 5.77 20.30
C CYS C 96 7.19 5.41 20.75
N THR C 97 8.18 6.13 20.23
CA THR C 97 9.57 5.87 20.53
C THR C 97 10.20 7.12 21.14
N ARG C 98 11.21 6.90 21.98
CA ARG C 98 11.79 7.94 22.81
C ARG C 98 13.20 8.26 22.34
N SER C 99 13.47 9.54 22.09
CA SER C 99 14.83 9.97 21.80
C SER C 99 15.61 10.17 23.10
N HIS C 100 16.93 10.31 22.98
CA HIS C 100 17.74 10.56 24.16
C HIS C 100 17.56 12.02 24.59
N TYR C 101 18.13 12.34 25.76
CA TYR C 101 17.86 13.62 26.42
C TYR C 101 18.38 14.80 25.60
N GLY C 102 17.52 15.81 25.41
CA GLY C 102 17.88 17.02 24.71
C GLY C 102 18.17 16.88 23.23
N LEU C 103 18.19 15.65 22.70
CA LEU C 103 18.55 15.38 21.33
C LEU C 103 17.47 14.49 20.70
N ASP C 104 17.67 14.12 19.43
CA ASP C 104 16.65 13.36 18.72
C ASP C 104 17.22 12.29 17.79
N TRP C 105 18.53 12.07 17.78
CA TRP C 105 19.12 11.31 16.68
C TRP C 105 19.00 9.80 16.86
N ASN C 106 18.95 9.30 18.09
CA ASN C 106 18.73 7.88 18.33
C ASN C 106 17.42 7.68 19.07
N PHE C 107 16.80 6.53 18.85
CA PHE C 107 15.55 6.18 19.52
C PHE C 107 15.85 5.17 20.62
N ASP C 108 15.52 5.54 21.86
CA ASP C 108 16.00 4.82 23.04
C ASP C 108 15.17 3.58 23.32
N VAL C 109 13.88 3.76 23.64
CA VAL C 109 12.99 2.67 24.01
C VAL C 109 11.72 2.83 23.18
N TRP C 110 11.35 1.78 22.47
CA TRP C 110 10.19 1.82 21.60
C TRP C 110 8.95 1.32 22.33
N GLY C 111 7.83 2.01 22.10
CA GLY C 111 6.55 1.52 22.59
C GLY C 111 6.21 0.16 21.99
N LYS C 112 5.30 -0.52 22.66
CA LYS C 112 4.94 -1.88 22.26
C LYS C 112 4.04 -1.93 21.02
N GLY C 113 3.88 -0.81 20.31
CA GLY C 113 3.13 -0.78 19.06
C GLY C 113 1.63 -0.75 19.24
N THR C 114 0.87 -0.49 18.17
CA THR C 114 -0.58 -0.42 18.26
C THR C 114 -1.21 -1.10 17.05
N THR C 115 -2.33 -1.77 17.29
CA THR C 115 -3.18 -2.26 16.22
C THR C 115 -3.99 -1.08 15.67
N VAL C 116 -3.70 -0.68 14.43
CA VAL C 116 -4.43 0.38 13.75
C VAL C 116 -4.69 -0.12 12.32
N THR C 117 -5.87 -0.67 12.09
CA THR C 117 -6.28 -1.14 10.78
C THR C 117 -7.53 -0.39 10.34
N VAL C 118 -7.56 0.00 9.07
CA VAL C 118 -8.69 0.68 8.46
C VAL C 118 -8.97 0.04 7.11
N SER C 119 -10.25 -0.19 6.82
CA SER C 119 -10.60 -0.74 5.51
C SER C 119 -12.08 -0.50 5.23
N SER C 120 -12.38 0.01 4.04
CA SER C 120 -13.66 -0.19 3.37
C SER C 120 -14.84 0.12 4.29
N SER C 121 -14.98 1.42 4.60
CA SER C 121 -16.16 1.91 5.31
C SER C 121 -17.42 1.23 4.77
N GLN C 122 -17.67 1.38 3.48
CA GLN C 122 -18.54 0.49 2.73
C GLN C 122 -17.75 -0.08 1.56
N VAL C 123 -18.07 -1.31 1.16
CA VAL C 123 -17.46 -1.85 -0.04
C VAL C 123 -18.09 -1.11 -1.21
N GLN C 124 -17.39 -0.09 -1.71
CA GLN C 124 -17.99 0.81 -2.70
C GLN C 124 -18.27 0.08 -4.00
N LEU C 125 -18.85 0.79 -4.97
CA LEU C 125 -19.19 0.21 -6.25
C LEU C 125 -17.91 -0.25 -6.92
N VAL C 126 -17.70 -1.57 -7.01
CA VAL C 126 -16.45 -2.14 -7.51
C VAL C 126 -16.72 -2.80 -8.84
N GLU C 127 -16.05 -2.32 -9.88
CA GLU C 127 -16.31 -2.74 -11.25
C GLU C 127 -15.46 -3.94 -11.64
N SER C 128 -15.82 -4.57 -12.76
CA SER C 128 -15.15 -5.78 -13.21
C SER C 128 -15.25 -5.89 -14.73
N GLY C 129 -14.46 -6.81 -15.28
CA GLY C 129 -14.43 -7.02 -16.73
C GLY C 129 -13.41 -6.14 -17.42
N GLY C 130 -13.68 -5.78 -18.68
CA GLY C 130 -12.85 -4.84 -19.39
C GLY C 130 -11.52 -5.43 -19.83
N GLY C 131 -10.77 -4.63 -20.62
CA GLY C 131 -9.46 -5.00 -21.09
C GLY C 131 -9.37 -4.95 -22.61
N VAL C 132 -8.61 -5.86 -23.18
CA VAL C 132 -8.33 -5.86 -24.62
C VAL C 132 -9.54 -6.43 -25.35
N VAL C 133 -10.05 -5.66 -26.33
CA VAL C 133 -11.15 -6.11 -27.17
C VAL C 133 -11.07 -5.37 -28.50
N GLN C 134 -11.14 -6.13 -29.60
CA GLN C 134 -11.17 -5.54 -30.92
C GLN C 134 -12.45 -4.72 -31.09
N PRO C 135 -12.44 -3.74 -31.99
CA PRO C 135 -13.67 -2.96 -32.24
C PRO C 135 -14.78 -3.81 -32.82
N GLY C 136 -16.00 -3.30 -32.73
CA GLY C 136 -17.16 -3.95 -33.27
C GLY C 136 -17.69 -5.12 -32.47
N ARG C 137 -16.84 -5.77 -31.66
CA ARG C 137 -17.26 -6.94 -30.89
C ARG C 137 -17.90 -6.48 -29.57
N SER C 138 -18.27 -7.44 -28.74
CA SER C 138 -19.04 -7.17 -27.53
C SER C 138 -18.16 -7.25 -26.27
N LEU C 139 -18.73 -6.82 -25.16
CA LEU C 139 -18.13 -6.94 -23.83
C LEU C 139 -19.16 -6.55 -22.79
N ARG C 140 -19.09 -7.21 -21.63
CA ARG C 140 -20.00 -6.95 -20.51
C ARG C 140 -19.21 -6.62 -19.25
N LEU C 141 -19.66 -5.60 -18.53
CA LEU C 141 -19.03 -5.11 -17.31
C LEU C 141 -19.83 -5.55 -16.09
N SER C 142 -19.39 -5.09 -14.91
CA SER C 142 -20.03 -5.49 -13.67
C SER C 142 -19.73 -4.43 -12.61
N CYS C 143 -20.50 -4.49 -11.51
CA CYS C 143 -20.36 -3.51 -10.43
C CYS C 143 -21.00 -4.10 -9.18
N ALA C 144 -20.19 -4.36 -8.15
CA ALA C 144 -20.65 -5.09 -6.97
C ALA C 144 -20.92 -4.11 -5.83
N ALA C 145 -22.20 -3.85 -5.57
CA ALA C 145 -22.58 -2.93 -4.51
C ALA C 145 -22.60 -3.64 -3.17
N SER C 146 -21.96 -3.04 -2.17
CA SER C 146 -22.00 -3.57 -0.81
C SER C 146 -21.82 -2.41 0.16
N GLY C 147 -22.02 -2.70 1.44
CA GLY C 147 -21.86 -1.70 2.47
C GLY C 147 -23.03 -0.73 2.59
N PHE C 148 -23.87 -0.65 1.56
CA PHE C 148 -25.03 0.23 1.59
C PHE C 148 -26.28 -0.48 1.08
N THR C 149 -27.38 0.26 0.94
CA THR C 149 -28.67 -0.30 0.55
C THR C 149 -28.83 -0.08 -0.95
N PHE C 150 -28.49 -1.12 -1.71
CA PHE C 150 -28.45 -1.00 -3.17
C PHE C 150 -29.84 -0.88 -3.78
N THR C 151 -30.77 -1.75 -3.36
CA THR C 151 -32.00 -1.99 -4.11
C THR C 151 -32.80 -0.71 -4.40
N LYS C 152 -32.53 0.37 -3.68
CA LYS C 152 -33.32 1.59 -3.79
C LYS C 152 -32.59 2.71 -4.53
N ALA C 153 -31.47 2.41 -5.18
CA ALA C 153 -30.60 3.45 -5.70
C ALA C 153 -30.90 3.75 -7.17
N TRP C 154 -30.44 4.92 -7.61
CA TRP C 154 -30.53 5.33 -9.01
C TRP C 154 -29.15 5.12 -9.64
N MET C 155 -29.04 4.10 -10.48
CA MET C 155 -27.76 3.61 -10.95
C MET C 155 -27.44 4.18 -12.33
N HIS C 156 -26.22 4.70 -12.47
CA HIS C 156 -25.75 5.26 -13.73
C HIS C 156 -24.50 4.52 -14.19
N TRP C 157 -24.00 4.98 -15.33
CA TRP C 157 -22.70 4.57 -15.88
C TRP C 157 -22.11 5.79 -16.56
N VAL C 158 -21.07 6.37 -15.96
CA VAL C 158 -20.44 7.59 -16.46
C VAL C 158 -19.01 7.27 -16.81
N ARG C 159 -18.62 7.54 -18.06
CA ARG C 159 -17.29 7.23 -18.54
C ARG C 159 -16.44 8.49 -18.63
N GLN C 160 -15.12 8.29 -18.59
CA GLN C 160 -14.14 9.37 -18.71
C GLN C 160 -13.14 9.00 -19.79
N ALA C 161 -13.25 9.65 -20.94
CA ALA C 161 -12.28 9.44 -22.01
C ALA C 161 -10.90 9.96 -21.58
N PRO C 162 -9.83 9.40 -22.13
CA PRO C 162 -8.47 9.76 -21.66
C PRO C 162 -8.21 11.25 -21.74
N GLY C 163 -7.92 11.86 -20.59
CA GLY C 163 -7.68 13.28 -20.49
C GLY C 163 -8.90 14.16 -20.72
N LYS C 164 -10.03 13.59 -21.11
CA LYS C 164 -11.24 14.35 -21.38
C LYS C 164 -12.07 14.54 -20.11
N GLN C 165 -13.25 15.12 -20.29
CA GLN C 165 -14.20 15.33 -19.21
C GLN C 165 -15.00 14.04 -18.95
N LEU C 166 -15.94 14.12 -18.02
CA LEU C 166 -16.81 12.99 -17.70
C LEU C 166 -18.03 13.01 -18.62
N GLU C 167 -18.36 11.83 -19.17
CA GLU C 167 -19.45 11.68 -20.13
C GLU C 167 -20.50 10.73 -19.56
N TRP C 168 -21.70 11.25 -19.31
CA TRP C 168 -22.79 10.40 -18.87
C TRP C 168 -23.27 9.53 -20.02
N VAL C 169 -23.40 8.23 -19.77
CA VAL C 169 -23.75 7.24 -20.79
C VAL C 169 -25.16 6.72 -20.58
N ALA C 170 -25.43 6.12 -19.43
CA ALA C 170 -26.77 5.57 -19.19
C ALA C 170 -27.01 5.49 -17.68
N GLN C 171 -28.27 5.71 -17.31
CA GLN C 171 -28.73 5.59 -15.95
C GLN C 171 -29.91 4.63 -15.91
N ILE C 172 -29.97 3.79 -14.88
CA ILE C 172 -31.13 2.93 -14.64
C ILE C 172 -31.71 3.29 -13.28
N LYS C 173 -33.04 3.27 -13.19
CA LYS C 173 -33.75 3.70 -12.00
C LYS C 173 -33.98 2.53 -11.07
N ASP C 174 -34.34 2.83 -9.83
CA ASP C 174 -34.54 1.78 -8.84
C ASP C 174 -35.81 0.98 -9.13
N LYS C 175 -36.11 0.04 -8.24
CA LYS C 175 -37.12 -0.96 -8.55
C LYS C 175 -38.53 -0.38 -8.56
N SER C 176 -38.75 0.72 -7.84
CA SER C 176 -40.09 1.31 -7.80
C SER C 176 -40.49 1.88 -9.15
N ASN C 177 -39.57 2.59 -9.81
CA ASN C 177 -39.85 3.25 -11.08
C ASN C 177 -39.72 2.30 -12.28
N SER C 178 -40.37 1.14 -12.19
CA SER C 178 -40.46 0.18 -13.31
C SER C 178 -39.10 -0.11 -13.92
N TYR C 179 -38.03 0.01 -13.13
CA TYR C 179 -36.66 -0.18 -13.61
C TYR C 179 -36.38 0.67 -14.85
N ALA C 180 -36.64 1.97 -14.71
CA ALA C 180 -36.57 2.88 -15.85
C ALA C 180 -35.15 2.94 -16.39
N THR C 181 -35.04 2.90 -17.72
CA THR C 181 -33.76 2.92 -18.41
C THR C 181 -33.70 4.13 -19.32
N TYR C 182 -32.56 4.83 -19.29
CA TYR C 182 -32.31 5.99 -20.12
C TYR C 182 -30.87 5.96 -20.60
N TYR C 183 -30.66 6.16 -21.90
CA TYR C 183 -29.34 6.12 -22.49
C TYR C 183 -28.94 7.49 -23.05
N ALA C 184 -27.64 7.75 -23.05
CA ALA C 184 -27.12 8.74 -23.97
C ALA C 184 -27.33 8.26 -25.40
N ASP C 185 -27.38 9.19 -26.34
CA ASP C 185 -27.76 8.81 -27.69
C ASP C 185 -26.64 8.11 -28.46
N SER C 186 -25.39 8.34 -28.08
CA SER C 186 -24.28 7.68 -28.75
C SER C 186 -24.31 6.17 -28.54
N VAL C 187 -25.07 5.70 -27.55
CA VAL C 187 -25.21 4.28 -27.26
C VAL C 187 -26.65 3.80 -27.46
N LYS C 188 -27.50 4.63 -28.07
CA LYS C 188 -28.89 4.25 -28.29
C LYS C 188 -28.98 3.01 -29.18
N GLY C 189 -29.47 1.92 -28.61
CA GLY C 189 -29.55 0.64 -29.30
C GLY C 189 -28.34 -0.24 -29.09
N ARG C 190 -27.16 0.37 -28.99
CA ARG C 190 -25.93 -0.38 -28.79
C ARG C 190 -25.90 -1.01 -27.41
N PHE C 191 -25.91 -0.17 -26.37
CA PHE C 191 -25.69 -0.63 -25.01
C PHE C 191 -27.02 -1.00 -24.35
N THR C 192 -26.93 -1.54 -23.15
CA THR C 192 -28.10 -1.83 -22.32
C THR C 192 -27.63 -1.98 -20.88
N ILE C 193 -28.19 -1.18 -19.98
CA ILE C 193 -27.82 -1.23 -18.57
C ILE C 193 -28.89 -2.01 -17.82
N SER C 194 -28.47 -2.72 -16.78
CA SER C 194 -29.33 -3.69 -16.10
C SER C 194 -28.81 -3.89 -14.69
N ARG C 195 -29.52 -4.72 -13.92
CA ARG C 195 -29.21 -4.89 -12.50
C ARG C 195 -29.94 -6.11 -11.98
N ASP C 196 -29.39 -6.69 -10.90
CA ASP C 196 -30.05 -7.74 -10.12
C ASP C 196 -30.13 -7.28 -8.68
N ASP C 197 -31.33 -6.84 -8.27
CA ASP C 197 -31.53 -6.43 -6.88
C ASP C 197 -31.20 -7.56 -5.92
N SER C 198 -31.52 -8.81 -6.30
CA SER C 198 -31.18 -9.96 -5.49
C SER C 198 -29.68 -10.08 -5.23
N LYS C 199 -28.84 -9.43 -6.05
CA LYS C 199 -27.40 -9.64 -6.02
C LYS C 199 -26.59 -8.39 -5.72
N ASN C 200 -27.24 -7.26 -5.43
CA ASN C 200 -26.53 -6.01 -5.14
C ASN C 200 -25.53 -5.67 -6.23
N THR C 201 -25.94 -5.88 -7.48
CA THR C 201 -25.01 -5.84 -8.61
C THR C 201 -25.66 -5.17 -9.82
N LEU C 202 -24.89 -4.32 -10.47
CA LEU C 202 -25.32 -3.57 -11.66
C LEU C 202 -24.53 -4.04 -12.86
N TYR C 203 -25.20 -4.19 -14.00
CA TYR C 203 -24.60 -4.69 -15.22
C TYR C 203 -24.79 -3.70 -16.36
N LEU C 204 -23.85 -3.69 -17.29
CA LEU C 204 -23.97 -2.91 -18.52
C LEU C 204 -23.32 -3.68 -19.66
N GLN C 205 -24.08 -3.91 -20.72
CA GLN C 205 -23.60 -4.62 -21.90
C GLN C 205 -23.17 -3.61 -22.96
N MET C 206 -22.04 -3.88 -23.60
CA MET C 206 -21.46 -2.97 -24.59
C MET C 206 -21.36 -3.71 -25.93
N ASN C 207 -22.11 -3.23 -26.92
CA ASN C 207 -22.22 -3.87 -28.21
C ASN C 207 -21.85 -2.91 -29.33
N SER C 208 -21.41 -3.46 -30.46
CA SER C 208 -21.01 -2.69 -31.63
C SER C 208 -19.99 -1.61 -31.24
N LEU C 209 -18.88 -2.09 -30.69
CA LEU C 209 -17.87 -1.19 -30.14
C LEU C 209 -17.22 -0.33 -31.22
N ARG C 210 -17.07 0.95 -30.93
CA ARG C 210 -16.29 1.87 -31.73
C ARG C 210 -15.24 2.53 -30.84
N ALA C 211 -14.34 3.28 -31.48
CA ALA C 211 -13.21 3.86 -30.75
C ALA C 211 -13.65 4.97 -29.80
N GLU C 212 -14.79 5.61 -30.09
CA GLU C 212 -15.34 6.60 -29.18
C GLU C 212 -15.57 6.01 -27.79
N ASP C 213 -15.82 4.69 -27.73
CA ASP C 213 -16.03 4.00 -26.47
C ASP C 213 -14.76 3.92 -25.62
N THR C 214 -13.60 4.27 -26.17
CA THR C 214 -12.35 4.19 -25.43
C THR C 214 -12.40 5.16 -24.26
N ALA C 215 -12.62 4.63 -23.06
CA ALA C 215 -12.80 5.45 -21.87
C ALA C 215 -12.82 4.55 -20.66
N VAL C 216 -12.41 5.12 -19.51
CA VAL C 216 -12.66 4.46 -18.23
C VAL C 216 -14.16 4.48 -17.95
N TYR C 217 -14.61 3.53 -17.13
CA TYR C 217 -16.04 3.41 -16.86
C TYR C 217 -16.27 3.39 -15.35
N TYR C 218 -17.04 4.38 -14.87
CA TYR C 218 -17.30 4.57 -13.45
C TYR C 218 -18.76 4.23 -13.15
N CYS C 219 -18.96 3.40 -12.14
CA CYS C 219 -20.29 2.96 -11.73
C CYS C 219 -20.84 3.94 -10.69
N ARG C 220 -22.08 4.37 -10.88
CA ARG C 220 -22.65 5.47 -10.09
C ARG C 220 -23.94 5.03 -9.39
N GLY C 221 -24.10 5.49 -8.15
CA GLY C 221 -25.30 5.24 -7.37
C GLY C 221 -25.86 6.49 -6.73
N VAL C 222 -27.14 6.78 -6.94
CA VAL C 222 -27.73 8.08 -6.64
C VAL C 222 -28.98 7.91 -5.79
N TYR C 223 -29.17 8.82 -4.82
CA TYR C 223 -30.33 8.86 -3.95
C TYR C 223 -30.56 10.30 -3.52
N TYR C 224 -31.83 10.74 -3.54
CA TYR C 224 -32.17 12.14 -3.27
C TYR C 224 -33.31 12.27 -2.26
N ALA C 225 -33.49 11.28 -1.40
CA ALA C 225 -34.52 11.31 -0.37
C ALA C 225 -33.96 11.91 0.91
N LEU C 226 -34.64 11.72 2.04
CA LEU C 226 -34.27 12.31 3.33
C LEU C 226 -32.92 11.80 3.83
N SER C 227 -32.25 10.96 3.06
CA SER C 227 -30.88 10.55 3.35
C SER C 227 -30.14 10.35 2.03
N PRO C 228 -29.73 11.45 1.38
CA PRO C 228 -29.24 11.36 0.01
C PRO C 228 -27.74 11.09 -0.08
N PHE C 229 -27.37 10.50 -1.23
CA PHE C 229 -25.96 10.28 -1.53
C PHE C 229 -25.79 10.07 -3.03
N ASP C 230 -24.57 10.31 -3.50
CA ASP C 230 -24.17 9.99 -4.86
C ASP C 230 -22.84 9.24 -4.76
N TYR C 231 -22.88 7.94 -5.02
CA TYR C 231 -21.72 7.07 -4.81
C TYR C 231 -21.11 6.71 -6.16
N TRP C 232 -19.86 7.10 -6.36
CA TRP C 232 -19.14 6.69 -7.55
C TRP C 232 -18.59 5.28 -7.40
N GLY C 233 -18.05 4.75 -8.49
CA GLY C 233 -17.39 3.46 -8.49
C GLY C 233 -15.90 3.58 -8.33
N GLN C 234 -15.20 2.56 -8.79
CA GLN C 234 -13.74 2.56 -8.79
C GLN C 234 -13.15 2.91 -10.15
N GLY C 235 -13.80 2.48 -11.24
CA GLY C 235 -13.29 2.70 -12.57
C GLY C 235 -12.65 1.45 -13.15
N THR C 236 -13.06 1.06 -14.36
CA THR C 236 -12.50 -0.09 -15.04
C THR C 236 -12.00 0.34 -16.41
N LEU C 237 -10.80 -0.09 -16.78
CA LEU C 237 -10.13 0.41 -17.97
C LEU C 237 -10.60 -0.38 -19.19
N VAL C 238 -11.14 0.34 -20.19
CA VAL C 238 -11.66 -0.27 -21.41
C VAL C 238 -11.10 0.52 -22.60
N THR C 239 -10.31 -0.15 -23.44
CA THR C 239 -9.69 0.48 -24.61
C THR C 239 -10.02 -0.33 -25.86
N VAL C 240 -10.10 0.36 -26.99
CA VAL C 240 -10.45 -0.24 -28.27
C VAL C 240 -9.36 0.10 -29.28
N SER C 241 -8.74 -0.92 -29.88
CA SER C 241 -7.84 -0.77 -31.00
C SER C 241 -7.76 -2.10 -31.73
N SER C 242 -7.14 -2.08 -32.91
CA SER C 242 -7.19 -3.23 -33.82
C SER C 242 -5.90 -4.06 -33.71
N ARG C 243 -5.74 -4.68 -32.54
CA ARG C 243 -4.62 -5.58 -32.27
C ARG C 243 -5.07 -7.00 -32.55
N THR C 244 -4.50 -7.62 -33.58
CA THR C 244 -4.89 -8.97 -33.98
C THR C 244 -4.63 -9.97 -32.86
N ALA C 245 -3.35 -10.18 -32.55
CA ALA C 245 -2.92 -11.07 -31.46
C ALA C 245 -3.75 -12.35 -31.44
N SER C 246 -3.66 -13.10 -32.54
CA SER C 246 -4.49 -14.27 -32.76
C SER C 246 -4.40 -15.24 -31.57
N THR C 247 -5.50 -15.39 -30.85
CA THR C 247 -5.52 -16.12 -29.59
C THR C 247 -6.75 -17.00 -29.51
N LYS C 248 -6.59 -18.16 -28.90
CA LYS C 248 -7.67 -19.11 -28.70
C LYS C 248 -7.83 -19.41 -27.21
N GLY C 249 -9.10 -19.55 -26.78
CA GLY C 249 -9.41 -19.82 -25.39
C GLY C 249 -9.45 -21.30 -25.09
N PRO C 250 -9.23 -21.67 -23.83
CA PRO C 250 -8.99 -23.08 -23.50
C PRO C 250 -10.25 -23.93 -23.66
N SER C 251 -10.03 -25.17 -24.10
CA SER C 251 -11.01 -26.22 -23.88
C SER C 251 -10.79 -26.81 -22.49
N VAL C 252 -11.88 -27.15 -21.81
CA VAL C 252 -11.82 -27.56 -20.41
C VAL C 252 -12.38 -28.97 -20.28
N PHE C 253 -11.69 -29.80 -19.50
CA PHE C 253 -11.98 -31.23 -19.40
C PHE C 253 -11.98 -31.71 -17.96
N PRO C 254 -12.94 -32.57 -17.60
CA PRO C 254 -13.10 -32.96 -16.19
C PRO C 254 -12.26 -34.16 -15.78
N LEU C 255 -11.45 -34.01 -14.74
CA LEU C 255 -10.77 -35.16 -14.14
C LEU C 255 -11.77 -35.95 -13.32
N ALA C 256 -12.41 -36.94 -13.95
CA ALA C 256 -13.48 -37.70 -13.29
C ALA C 256 -12.95 -38.39 -12.04
N PRO C 257 -13.62 -38.25 -10.89
CA PRO C 257 -13.13 -38.87 -9.66
C PRO C 257 -13.70 -40.25 -9.38
N SER C 258 -13.04 -41.00 -8.50
CA SER C 258 -13.51 -42.29 -8.03
C SER C 258 -13.18 -42.37 -6.53
N SER C 259 -13.23 -43.57 -5.97
CA SER C 259 -12.98 -43.76 -4.55
C SER C 259 -11.50 -43.99 -4.27
N LYS C 260 -11.02 -43.45 -3.15
CA LYS C 260 -9.66 -43.67 -2.62
C LYS C 260 -8.56 -43.75 -3.69
N GLY C 265 -9.84 -43.42 2.17
CA GLY C 265 -10.97 -42.60 2.58
C GLY C 265 -10.91 -41.18 2.07
N THR C 266 -9.87 -40.89 1.29
CA THR C 266 -9.67 -39.57 0.68
C THR C 266 -9.69 -39.69 -0.83
N ALA C 267 -10.23 -38.69 -1.50
CA ALA C 267 -10.38 -38.70 -2.94
C ALA C 267 -9.78 -37.42 -3.53
N ALA C 268 -9.90 -37.30 -4.85
CA ALA C 268 -9.34 -36.14 -5.55
C ALA C 268 -10.06 -35.98 -6.87
N LEU C 269 -10.01 -34.76 -7.39
CA LEU C 269 -10.56 -34.45 -8.71
C LEU C 269 -10.00 -33.11 -9.17
N GLY C 270 -10.10 -32.86 -10.46
CA GLY C 270 -9.58 -31.62 -11.01
C GLY C 270 -10.20 -31.28 -12.35
N CYS C 271 -9.75 -30.16 -12.89
CA CYS C 271 -10.17 -29.68 -14.20
C CYS C 271 -8.96 -29.52 -15.10
N LEU C 272 -9.10 -29.93 -16.36
CA LEU C 272 -8.03 -29.91 -17.33
C LEU C 272 -8.34 -28.85 -18.38
N VAL C 273 -7.47 -27.83 -18.48
CA VAL C 273 -7.61 -26.76 -19.46
C VAL C 273 -6.49 -26.90 -20.47
N LYS C 274 -6.85 -27.21 -21.72
CA LYS C 274 -5.90 -27.61 -22.74
C LYS C 274 -5.91 -26.64 -23.91
N ASP C 275 -4.74 -26.49 -24.54
CA ASP C 275 -4.60 -25.86 -25.86
C ASP C 275 -4.87 -24.36 -25.83
N TYR C 276 -4.59 -23.67 -24.73
CA TYR C 276 -4.87 -22.25 -24.64
C TYR C 276 -3.60 -21.43 -24.85
N PHE C 277 -3.80 -20.19 -25.31
CA PHE C 277 -2.70 -19.29 -25.64
C PHE C 277 -3.28 -17.92 -25.91
N PRO C 278 -2.64 -16.83 -25.43
CA PRO C 278 -1.39 -16.76 -24.68
C PRO C 278 -1.55 -17.01 -23.20
N GLU C 279 -0.62 -16.52 -22.44
CA GLU C 279 -0.66 -16.71 -21.01
C GLU C 279 -1.21 -15.48 -20.29
N PRO C 280 -1.81 -15.65 -19.11
CA PRO C 280 -2.23 -16.91 -18.48
C PRO C 280 -3.74 -17.09 -18.40
N VAL C 281 -4.18 -18.23 -17.88
CA VAL C 281 -5.57 -18.44 -17.48
C VAL C 281 -5.62 -18.42 -15.95
N THR C 282 -6.70 -17.87 -15.42
CA THR C 282 -6.97 -17.87 -13.99
C THR C 282 -8.05 -18.89 -13.70
N VAL C 283 -7.81 -19.74 -12.70
CA VAL C 283 -8.72 -20.83 -12.33
C VAL C 283 -9.16 -20.63 -10.88
N SER C 284 -10.45 -20.33 -10.69
CA SER C 284 -11.06 -20.26 -9.38
C SER C 284 -11.96 -21.47 -9.17
N TRP C 285 -12.19 -21.82 -7.90
CA TRP C 285 -12.85 -23.05 -7.52
C TRP C 285 -14.13 -22.73 -6.75
N ASN C 286 -15.25 -23.29 -7.22
CA ASN C 286 -16.55 -23.08 -6.58
C ASN C 286 -16.89 -21.59 -6.46
N SER C 287 -16.50 -20.83 -7.49
CA SER C 287 -16.72 -19.39 -7.56
C SER C 287 -16.14 -18.66 -6.35
N GLY C 288 -15.03 -19.16 -5.81
CA GLY C 288 -14.27 -18.47 -4.79
C GLY C 288 -14.41 -18.97 -3.38
N ALA C 289 -15.02 -20.13 -3.17
CA ALA C 289 -15.27 -20.64 -1.83
C ALA C 289 -14.48 -21.91 -1.51
N LEU C 290 -13.72 -22.44 -2.46
CA LEU C 290 -12.99 -23.69 -2.29
C LEU C 290 -11.49 -23.40 -2.47
N THR C 291 -10.76 -23.31 -1.36
CA THR C 291 -9.34 -23.01 -1.40
C THR C 291 -8.51 -24.02 -0.64
N SER C 292 -9.08 -24.62 0.40
CA SER C 292 -8.33 -25.54 1.25
C SER C 292 -7.97 -26.80 0.46
N GLY C 293 -6.68 -27.11 0.39
CA GLY C 293 -6.23 -28.31 -0.29
C GLY C 293 -6.30 -28.27 -1.80
N VAL C 294 -6.26 -27.09 -2.39
CA VAL C 294 -6.29 -26.93 -3.84
C VAL C 294 -4.87 -26.64 -4.32
N HIS C 295 -4.45 -27.36 -5.37
CA HIS C 295 -3.21 -27.07 -6.09
C HIS C 295 -3.56 -26.76 -7.53
N THR C 296 -3.31 -25.53 -7.96
CA THR C 296 -3.39 -25.16 -9.37
C THR C 296 -1.99 -25.23 -9.95
N PHE C 297 -1.80 -26.14 -10.91
CA PHE C 297 -0.46 -26.49 -11.34
C PHE C 297 0.08 -25.46 -12.33
N PRO C 298 1.40 -25.21 -12.30
CA PRO C 298 1.96 -24.18 -13.17
C PRO C 298 1.76 -24.50 -14.64
N ALA C 299 1.65 -23.43 -15.43
CA ALA C 299 1.49 -23.58 -16.88
C ALA C 299 2.64 -24.39 -17.44
N VAL C 300 2.31 -25.30 -18.36
CA VAL C 300 3.27 -26.14 -19.03
C VAL C 300 3.18 -25.87 -20.52
N LEU C 301 4.31 -25.66 -21.16
CA LEU C 301 4.35 -25.37 -22.59
C LEU C 301 4.35 -26.68 -23.36
N GLN C 302 3.39 -26.82 -24.28
CA GLN C 302 3.29 -28.02 -25.11
C GLN C 302 4.12 -27.85 -26.39
N SER C 303 4.30 -28.96 -27.10
CA SER C 303 5.08 -28.94 -28.33
C SER C 303 4.47 -28.02 -29.37
N SER C 304 3.14 -27.99 -29.45
CA SER C 304 2.43 -27.22 -30.47
C SER C 304 2.63 -25.71 -30.34
N GLY C 305 3.42 -25.22 -29.39
CA GLY C 305 3.44 -23.80 -29.09
C GLY C 305 2.32 -23.33 -28.20
N LEU C 306 1.37 -24.19 -27.87
CA LEU C 306 0.21 -23.87 -27.05
C LEU C 306 0.48 -24.28 -25.60
N TYR C 307 -0.07 -23.52 -24.67
CA TYR C 307 0.08 -23.81 -23.26
C TYR C 307 -0.99 -24.78 -22.79
N SER C 308 -0.83 -25.26 -21.55
CA SER C 308 -1.83 -26.13 -20.93
C SER C 308 -1.53 -26.26 -19.45
N LEU C 309 -2.57 -26.55 -18.67
CA LEU C 309 -2.40 -26.75 -17.24
C LEU C 309 -3.59 -27.53 -16.70
N SER C 310 -3.46 -27.99 -15.47
CA SER C 310 -4.52 -28.68 -14.74
C SER C 310 -4.56 -28.16 -13.31
N SER C 311 -5.74 -28.27 -12.69
CA SER C 311 -5.94 -27.82 -11.31
C SER C 311 -6.78 -28.86 -10.58
N VAL C 312 -6.30 -29.31 -9.42
CA VAL C 312 -6.85 -30.44 -8.69
C VAL C 312 -7.13 -30.02 -7.24
N VAL C 313 -7.71 -30.96 -6.48
CA VAL C 313 -8.13 -30.70 -5.10
C VAL C 313 -8.39 -32.00 -4.36
N THR C 314 -8.10 -32.02 -3.06
CA THR C 314 -8.36 -33.18 -2.21
C THR C 314 -9.52 -32.88 -1.27
N VAL C 315 -10.56 -33.72 -1.32
CA VAL C 315 -11.72 -33.67 -0.45
C VAL C 315 -12.01 -35.08 0.04
N PRO C 316 -12.84 -35.24 1.08
CA PRO C 316 -13.16 -36.60 1.54
C PRO C 316 -13.95 -37.37 0.50
N SER C 317 -13.64 -38.66 0.38
CA SER C 317 -14.33 -39.55 -0.54
C SER C 317 -15.76 -39.85 -0.12
N SER C 318 -16.20 -39.28 1.00
CA SER C 318 -17.54 -39.52 1.51
C SER C 318 -18.58 -38.68 0.78
N SER C 319 -18.35 -37.37 0.70
CA SER C 319 -19.32 -36.40 0.27
C SER C 319 -19.45 -36.28 -1.25
N LEU C 320 -18.93 -37.25 -2.01
CA LEU C 320 -18.80 -37.07 -3.45
C LEU C 320 -20.15 -37.03 -4.18
N GLY C 321 -21.20 -37.56 -3.57
CA GLY C 321 -22.52 -37.38 -4.14
C GLY C 321 -23.15 -36.12 -3.60
N THR C 322 -22.78 -35.77 -2.36
CA THR C 322 -23.44 -34.68 -1.63
C THR C 322 -22.96 -33.31 -2.10
N GLN C 323 -21.68 -33.02 -1.89
CA GLN C 323 -21.15 -31.70 -2.22
C GLN C 323 -20.96 -31.57 -3.73
N THR C 324 -21.24 -30.39 -4.27
CA THR C 324 -21.16 -30.12 -5.70
C THR C 324 -19.87 -29.37 -6.01
N TYR C 325 -19.20 -29.76 -7.09
CA TYR C 325 -17.84 -29.33 -7.39
C TYR C 325 -17.80 -28.75 -8.79
N ILE C 326 -17.34 -27.50 -8.91
CA ILE C 326 -17.32 -26.78 -10.19
C ILE C 326 -16.08 -25.90 -10.27
N CYS C 327 -15.36 -25.98 -11.39
CA CYS C 327 -14.15 -25.19 -11.63
C CYS C 327 -14.46 -24.02 -12.55
N ASN C 328 -13.74 -22.92 -12.36
CA ASN C 328 -13.94 -21.70 -13.14
C ASN C 328 -12.64 -21.35 -13.85
N VAL C 329 -12.72 -21.11 -15.16
CA VAL C 329 -11.56 -20.73 -15.97
C VAL C 329 -11.89 -19.45 -16.72
N ASN C 330 -11.24 -18.35 -16.34
CA ASN C 330 -11.39 -17.07 -17.01
C ASN C 330 -10.08 -16.74 -17.71
N HIS C 331 -10.16 -16.53 -19.04
CA HIS C 331 -8.98 -16.28 -19.87
C HIS C 331 -9.28 -15.01 -20.68
N LYS C 332 -9.00 -13.86 -20.08
CA LYS C 332 -9.42 -12.56 -20.61
C LYS C 332 -8.67 -12.13 -21.87
N PRO C 333 -7.39 -12.51 -22.07
CA PRO C 333 -6.79 -12.28 -23.40
C PRO C 333 -7.63 -12.83 -24.54
N SER C 334 -8.07 -14.09 -24.45
CA SER C 334 -9.06 -14.57 -25.39
C SER C 334 -10.48 -14.12 -25.02
N ASN C 335 -10.65 -13.56 -23.82
CA ASN C 335 -11.95 -13.11 -23.32
C ASN C 335 -12.97 -14.24 -23.35
N THR C 336 -12.56 -15.39 -22.80
CA THR C 336 -13.41 -16.57 -22.69
C THR C 336 -13.36 -17.10 -21.25
N LYS C 337 -14.54 -17.25 -20.66
CA LYS C 337 -14.69 -17.89 -19.35
C LYS C 337 -15.48 -19.18 -19.49
N VAL C 338 -15.07 -20.21 -18.75
CA VAL C 338 -15.70 -21.53 -18.85
C VAL C 338 -15.76 -22.15 -17.45
N ASP C 339 -16.89 -22.80 -17.15
CA ASP C 339 -17.13 -23.49 -15.88
C ASP C 339 -17.57 -24.91 -16.14
N LYS C 340 -17.07 -25.86 -15.33
CA LYS C 340 -17.36 -27.27 -15.54
C LYS C 340 -17.55 -28.00 -14.21
N LYS C 341 -18.56 -28.88 -14.17
CA LYS C 341 -18.84 -29.71 -12.99
C LYS C 341 -18.07 -31.02 -13.08
N VAL C 342 -17.59 -31.50 -11.94
CA VAL C 342 -16.77 -32.71 -11.87
C VAL C 342 -17.51 -33.71 -10.99
N GLU C 343 -18.26 -34.61 -11.59
CA GLU C 343 -18.91 -35.66 -10.80
C GLU C 343 -18.46 -37.03 -11.27
N PRO C 344 -18.36 -37.99 -10.35
CA PRO C 344 -17.78 -39.30 -10.71
C PRO C 344 -18.53 -39.98 -11.85
N LYS C 345 -17.79 -40.78 -12.61
CA LYS C 345 -18.39 -41.49 -13.74
C LYS C 345 -19.52 -42.38 -13.27
N SER C 346 -20.70 -42.20 -13.87
CA SER C 346 -21.81 -43.09 -13.62
C SER C 346 -21.54 -44.42 -14.32
N CYS C 347 -20.77 -45.28 -13.67
CA CYS C 347 -20.34 -46.53 -14.26
C CYS C 347 -21.41 -47.61 -14.15
C1 NAG D . 19.05 44.41 22.69
C2 NAG D . 18.71 44.06 24.17
C3 NAG D . 17.85 45.18 24.80
C4 NAG D . 18.45 46.56 24.55
C5 NAG D . 18.71 46.75 23.07
C6 NAG D . 19.33 48.09 22.73
C7 NAG D . 17.53 42.17 25.31
C8 NAG D . 16.85 40.86 25.09
N2 NAG D . 18.00 42.78 24.21
O3 NAG D . 17.74 44.95 26.20
O4 NAG D . 17.52 47.57 24.92
O5 NAG D . 19.61 45.73 22.62
O6 NAG D . 18.75 48.64 21.55
O7 NAG D . 17.65 42.67 26.45
C1 NAG D . 17.62 48.05 26.30
C2 NAG D . 16.36 47.58 27.03
C3 NAG D . 16.36 48.10 28.46
C4 NAG D . 17.64 47.68 29.17
C5 NAG D . 18.87 48.08 28.37
C6 NAG D . 20.15 47.53 28.94
C7 NAG D . 14.23 47.18 25.85
C8 NAG D . 13.08 47.83 25.15
N2 NAG D . 15.17 48.01 26.31
O3 NAG D . 15.22 47.65 29.18
O4 NAG D . 17.70 48.24 30.47
O5 NAG D . 18.79 47.58 27.02
O6 NAG D . 21.27 47.82 28.12
O7 NAG D . 14.30 45.94 26.01
C1 NAG E . 27.62 32.46 -3.78
C2 NAG E . 28.57 31.40 -4.35
C3 NAG E . 28.75 31.58 -5.85
C4 NAG E . 27.39 31.62 -6.55
C5 NAG E . 26.52 32.69 -5.92
C6 NAG E . 25.12 32.72 -6.49
C7 NAG E . 30.68 30.39 -3.58
C8 NAG E . 31.96 30.63 -2.84
N2 NAG E . 29.86 31.45 -3.67
O3 NAG E . 29.52 30.51 -6.37
O4 NAG E . 27.56 31.89 -7.94
O5 NAG E . 26.38 32.43 -4.52
O6 NAG E . 24.91 33.88 -7.28
O7 NAG E . 30.39 29.31 -4.05
#